data_2KH9
#
_entry.id   2KH9
#
loop_
_entity.id
_entity.type
_entity.pdbx_description
1 polymer 'U4/U6 snRNA-associated-splicing factor PRP24'
2 polymer "5'-R(*AP*GP*AP*GP*AP*U)-3'"
#
loop_
_entity_poly.entity_id
_entity_poly.type
_entity_poly.pdbx_seq_one_letter_code
_entity_poly.pdbx_strand_id
1 'polypeptide(L)'
;MTECTLWMTNFPPSYTQRNIRDLLQDINVVALSIRLPSLRFNTSRRFAYIDVTSKEDARYCVEKLNGLKIEGYTLVTKVS
NPLELEHHHHHH
;
A
2 'polyribonucleotide' AGAGAU B
#
loop_
_chem_comp.id
_chem_comp.type
_chem_comp.name
_chem_comp.formula
A RNA linking ADENOSINE-5'-MONOPHOSPHATE 'C10 H14 N5 O7 P'
G RNA linking GUANOSINE-5'-MONOPHOSPHATE 'C10 H14 N5 O8 P'
U RNA linking URIDINE-5'-MONOPHOSPHATE 'C9 H13 N2 O9 P'
#
# COMPACT_ATOMS: atom_id res chain seq x y z
N MET A 1 5.61 -13.87 -7.12
CA MET A 1 6.60 -14.53 -6.23
C MET A 1 7.99 -13.96 -6.48
N THR A 2 8.06 -12.75 -7.04
CA THR A 2 9.36 -12.13 -7.34
C THR A 2 9.36 -10.63 -7.04
N GLU A 3 8.19 -10.13 -6.71
CA GLU A 3 7.98 -8.74 -6.38
C GLU A 3 7.80 -8.66 -4.86
N CYS A 4 7.11 -7.63 -4.31
CA CYS A 4 6.92 -7.47 -2.86
C CYS A 4 6.56 -6.02 -2.48
N THR A 5 6.71 -5.08 -3.41
CA THR A 5 6.46 -3.66 -3.15
C THR A 5 5.15 -3.15 -3.75
N LEU A 6 4.29 -2.67 -2.89
CA LEU A 6 3.00 -2.09 -3.33
C LEU A 6 3.05 -0.58 -3.51
N TRP A 7 2.11 -0.06 -4.30
CA TRP A 7 1.96 1.37 -4.52
C TRP A 7 0.55 1.76 -4.07
N MET A 8 0.49 2.74 -3.19
CA MET A 8 -0.77 3.21 -2.62
C MET A 8 -1.02 4.67 -3.08
N THR A 9 -2.20 4.96 -3.63
CA THR A 9 -2.46 6.31 -4.16
C THR A 9 -3.88 6.77 -3.85
N ASN A 10 -4.08 8.11 -3.81
CA ASN A 10 -5.40 8.73 -3.51
C ASN A 10 -6.10 8.02 -2.36
N PHE A 11 -6.18 8.73 -1.26
CA PHE A 11 -6.73 8.16 -0.03
C PHE A 11 -6.50 9.15 1.10
N PRO A 12 -7.50 9.34 1.98
CA PRO A 12 -7.35 10.21 3.14
C PRO A 12 -6.20 9.67 3.99
N PRO A 13 -5.48 10.52 4.74
CA PRO A 13 -4.34 10.04 5.50
C PRO A 13 -4.67 9.12 6.67
N SER A 14 -5.91 8.63 6.72
CA SER A 14 -6.28 7.63 7.72
C SER A 14 -5.15 6.59 7.71
N TYR A 15 -4.69 6.29 6.49
CA TYR A 15 -3.56 5.41 6.29
C TYR A 15 -2.29 6.22 6.35
N THR A 16 -1.51 5.94 7.33
CA THR A 16 -0.26 6.63 7.52
C THR A 16 0.82 5.58 7.58
N GLN A 17 2.04 5.95 7.90
CA GLN A 17 3.12 5.00 7.88
C GLN A 17 2.88 3.85 8.86
N ARG A 18 2.57 4.19 10.11
CA ARG A 18 2.30 3.15 11.10
C ARG A 18 0.98 2.41 10.89
N ASN A 19 -0.07 3.07 10.37
CA ASN A 19 -1.36 2.39 10.24
C ASN A 19 -1.37 1.50 9.04
N ILE A 20 -0.76 1.99 7.97
CA ILE A 20 -0.63 1.22 6.78
C ILE A 20 0.22 0.01 7.08
N ARG A 21 1.17 0.19 8.01
CA ARG A 21 2.07 -0.87 8.41
C ARG A 21 1.38 -1.83 9.34
N ASP A 22 0.49 -1.32 10.16
CA ASP A 22 -0.28 -2.15 11.10
C ASP A 22 -1.26 -2.97 10.28
N LEU A 23 -1.93 -2.29 9.37
CA LEU A 23 -2.84 -2.94 8.46
C LEU A 23 -2.08 -3.96 7.62
N LEU A 24 -0.91 -3.55 7.18
CA LEU A 24 -0.09 -4.40 6.33
C LEU A 24 0.55 -5.51 7.10
N GLN A 25 1.01 -5.27 8.28
CA GLN A 25 1.63 -6.34 9.04
C GLN A 25 0.63 -7.31 9.71
N ASP A 26 -0.61 -6.89 9.99
CA ASP A 26 -1.55 -7.78 10.69
C ASP A 26 -2.53 -8.28 9.71
N ILE A 27 -3.13 -7.39 8.96
CA ILE A 27 -4.01 -7.82 7.95
C ILE A 27 -3.17 -8.48 6.87
N ASN A 28 -1.93 -7.95 6.65
CA ASN A 28 -1.11 -8.54 5.61
C ASN A 28 0.27 -9.14 5.96
N VAL A 29 0.65 -9.15 7.22
CA VAL A 29 1.98 -9.66 7.64
C VAL A 29 3.10 -8.64 7.34
N VAL A 30 3.68 -8.10 8.43
CA VAL A 30 4.77 -7.09 8.45
C VAL A 30 5.15 -6.38 7.14
N ALA A 31 4.94 -5.04 7.08
CA ALA A 31 5.36 -4.30 5.95
C ALA A 31 6.80 -3.91 6.24
N LEU A 32 7.74 -4.42 5.45
CA LEU A 32 9.16 -4.19 5.70
C LEU A 32 9.50 -2.71 5.74
N SER A 33 9.04 -1.96 4.76
CA SER A 33 9.30 -0.54 4.73
C SER A 33 8.24 0.19 3.93
N ILE A 34 7.66 1.21 4.53
CA ILE A 34 6.63 1.98 3.87
C ILE A 34 7.24 3.34 3.44
N ARG A 35 7.23 3.57 2.13
CA ARG A 35 7.80 4.79 1.53
C ARG A 35 6.77 5.88 1.43
N LEU A 36 7.00 6.92 2.18
CA LEU A 36 6.16 8.09 2.10
C LEU A 36 6.96 9.09 1.29
N PRO A 37 6.76 9.13 -0.03
CA PRO A 37 7.53 10.01 -0.88
C PRO A 37 6.93 11.41 -0.88
N SER A 38 5.61 11.46 -0.81
CA SER A 38 4.91 12.71 -0.73
C SER A 38 4.57 12.96 0.73
N LEU A 39 4.05 14.17 1.00
CA LEU A 39 3.66 14.62 2.35
C LEU A 39 4.74 15.55 2.90
N ARG A 40 5.79 15.74 2.10
CA ARG A 40 6.88 16.63 2.50
C ARG A 40 6.47 18.07 2.18
N PHE A 41 5.92 18.29 0.98
CA PHE A 41 5.42 19.62 0.61
C PHE A 41 4.27 19.99 1.53
N ASN A 42 3.37 19.03 1.68
CA ASN A 42 2.18 19.16 2.51
C ASN A 42 1.45 17.82 2.41
N THR A 43 0.28 17.72 3.02
CA THR A 43 -0.51 16.48 2.98
C THR A 43 -1.11 16.23 1.58
N SER A 44 -0.56 16.89 0.56
CA SER A 44 -1.04 16.76 -0.81
C SER A 44 -0.32 15.66 -1.60
N ARG A 45 -1.12 14.85 -2.29
CA ARG A 45 -0.63 13.73 -3.14
C ARG A 45 -0.03 12.65 -2.24
N ARG A 46 -0.81 12.32 -1.21
CA ARG A 46 -0.46 11.36 -0.15
C ARG A 46 0.05 9.98 -0.59
N PHE A 47 0.14 9.71 -1.88
CA PHE A 47 0.62 8.40 -2.37
C PHE A 47 1.87 7.88 -1.62
N ALA A 48 1.91 6.55 -1.47
CA ALA A 48 2.98 5.83 -0.77
C ALA A 48 3.34 4.56 -1.49
N TYR A 49 4.37 3.94 -0.96
CA TYR A 49 4.87 2.68 -1.47
C TYR A 49 5.09 1.82 -0.24
N ILE A 50 4.67 0.60 -0.25
CA ILE A 50 4.89 -0.22 0.93
C ILE A 50 5.66 -1.47 0.55
N ASP A 51 6.48 -1.98 1.45
CA ASP A 51 7.28 -3.15 1.18
C ASP A 51 6.78 -4.28 2.03
N VAL A 52 6.67 -5.45 1.47
CA VAL A 52 6.19 -6.59 2.23
C VAL A 52 7.20 -7.74 2.18
N THR A 53 7.02 -8.78 2.99
CA THR A 53 8.00 -9.86 3.11
C THR A 53 8.21 -10.71 1.84
N SER A 54 7.19 -10.93 1.02
CA SER A 54 7.38 -11.79 -0.17
C SER A 54 6.34 -11.54 -1.24
N LYS A 55 5.02 -11.57 -0.92
CA LYS A 55 4.00 -11.30 -1.92
C LYS A 55 2.64 -11.79 -1.49
N GLU A 56 2.55 -12.95 -0.84
CA GLU A 56 1.25 -13.44 -0.37
C GLU A 56 0.60 -12.29 0.39
N ASP A 57 1.48 -11.62 1.10
CA ASP A 57 1.22 -10.44 1.91
C ASP A 57 0.93 -9.20 1.04
N ALA A 58 1.86 -8.85 0.14
CA ALA A 58 1.69 -7.70 -0.76
C ALA A 58 0.45 -7.89 -1.62
N ARG A 59 0.41 -9.01 -2.33
CA ARG A 59 -0.76 -9.39 -3.12
C ARG A 59 -2.04 -9.27 -2.26
N TYR A 60 -1.90 -9.50 -0.95
CA TYR A 60 -3.03 -9.43 -0.02
C TYR A 60 -3.49 -7.98 0.16
N CYS A 61 -2.53 -7.10 0.43
CA CYS A 61 -2.78 -5.67 0.63
C CYS A 61 -3.57 -5.04 -0.53
N VAL A 62 -3.08 -5.20 -1.77
CA VAL A 62 -3.78 -4.65 -2.93
C VAL A 62 -5.21 -5.16 -3.00
N GLU A 63 -5.40 -6.43 -2.67
CA GLU A 63 -6.73 -7.03 -2.70
C GLU A 63 -7.66 -6.38 -1.69
N LYS A 64 -7.13 -6.15 -0.49
CA LYS A 64 -7.92 -5.60 0.60
C LYS A 64 -8.38 -4.14 0.43
N LEU A 65 -7.50 -3.24 -0.01
CA LEU A 65 -7.88 -1.82 -0.10
C LEU A 65 -8.17 -1.26 -1.49
N ASN A 66 -7.84 -1.97 -2.55
CA ASN A 66 -8.08 -1.42 -3.88
C ASN A 66 -9.58 -1.28 -4.21
N GLY A 67 -9.97 -0.11 -4.72
CA GLY A 67 -11.35 0.13 -5.08
C GLY A 67 -12.18 0.61 -3.90
N LEU A 68 -11.51 1.12 -2.88
CA LEU A 68 -12.21 1.60 -1.69
C LEU A 68 -12.53 3.07 -1.81
N LYS A 69 -13.80 3.42 -1.62
CA LYS A 69 -14.23 4.80 -1.68
C LYS A 69 -14.28 5.30 -0.27
N ILE A 70 -13.28 6.05 0.10
CA ILE A 70 -13.17 6.51 1.45
C ILE A 70 -13.19 8.03 1.51
N GLU A 71 -14.23 8.59 2.13
CA GLU A 71 -14.39 10.03 2.27
C GLU A 71 -14.60 10.68 0.90
N GLY A 72 -14.96 9.86 -0.09
CA GLY A 72 -15.22 10.37 -1.42
C GLY A 72 -14.10 10.09 -2.41
N TYR A 73 -13.05 9.40 -1.98
CA TYR A 73 -11.93 9.11 -2.88
C TYR A 73 -11.77 7.60 -3.07
N THR A 74 -11.52 7.17 -4.29
CA THR A 74 -11.33 5.76 -4.58
C THR A 74 -9.86 5.42 -4.44
N LEU A 75 -9.55 4.46 -3.59
CA LEU A 75 -8.17 4.08 -3.35
C LEU A 75 -7.59 3.24 -4.47
N VAL A 76 -6.35 3.56 -4.80
CA VAL A 76 -5.62 2.87 -5.84
C VAL A 76 -4.48 2.07 -5.22
N THR A 77 -4.83 1.03 -4.48
CA THR A 77 -3.84 0.16 -3.89
C THR A 77 -3.46 -0.91 -4.90
N LYS A 78 -2.20 -0.98 -5.24
CA LYS A 78 -1.73 -1.94 -6.25
C LYS A 78 -0.40 -2.52 -5.84
N VAL A 79 -0.08 -3.72 -6.31
CA VAL A 79 1.20 -4.33 -5.99
C VAL A 79 2.12 -4.15 -7.19
N SER A 80 3.42 -4.43 -7.01
CA SER A 80 4.40 -4.30 -8.09
C SER A 80 4.00 -5.06 -9.35
N ASN A 81 4.68 -4.77 -10.45
CA ASN A 81 4.43 -5.43 -11.72
C ASN A 81 4.48 -6.94 -11.51
N PRO A 82 3.42 -7.66 -11.88
CA PRO A 82 3.31 -9.10 -11.66
C PRO A 82 4.42 -9.90 -12.35
N LEU A 83 5.20 -10.58 -11.54
CA LEU A 83 6.28 -11.41 -12.04
C LEU A 83 6.03 -12.86 -11.65
N GLU A 84 4.74 -13.18 -11.59
CA GLU A 84 4.29 -14.53 -11.27
C GLU A 84 3.34 -15.00 -12.37
N LEU A 85 3.59 -14.45 -13.56
CA LEU A 85 2.81 -14.78 -14.75
C LEU A 85 3.24 -16.13 -15.31
N GLU A 86 4.53 -16.25 -15.59
CA GLU A 86 5.09 -17.49 -16.12
C GLU A 86 6.49 -17.68 -15.56
N MET A 1 8.45 -13.94 -6.70
CA MET A 1 9.39 -13.12 -5.89
C MET A 1 10.14 -12.13 -6.77
N THR A 2 9.37 -11.32 -7.48
CA THR A 2 9.88 -10.27 -8.36
C THR A 2 8.98 -9.05 -8.22
N GLU A 3 8.30 -8.98 -7.08
CA GLU A 3 7.35 -7.93 -6.78
C GLU A 3 7.62 -7.30 -5.41
N CYS A 4 6.99 -7.88 -4.36
CA CYS A 4 7.09 -7.47 -2.95
C CYS A 4 6.71 -6.05 -2.64
N THR A 5 6.79 -5.19 -3.61
CA THR A 5 6.48 -3.82 -3.38
C THR A 5 5.16 -3.38 -3.98
N LEU A 6 4.26 -2.98 -3.10
CA LEU A 6 2.96 -2.47 -3.48
C LEU A 6 2.98 -0.96 -3.64
N TRP A 7 2.04 -0.46 -4.41
CA TRP A 7 1.87 0.96 -4.58
C TRP A 7 0.43 1.30 -4.22
N MET A 8 0.31 2.18 -3.26
CA MET A 8 -0.97 2.63 -2.75
C MET A 8 -1.11 4.08 -3.17
N THR A 9 -2.21 4.47 -3.79
CA THR A 9 -2.28 5.83 -4.32
C THR A 9 -3.67 6.41 -4.13
N ASN A 10 -3.74 7.75 -4.17
CA ASN A 10 -4.97 8.50 -3.97
C ASN A 10 -5.75 7.97 -2.77
N PHE A 11 -5.73 8.75 -1.71
CA PHE A 11 -6.34 8.38 -0.47
C PHE A 11 -5.96 9.41 0.58
N PRO A 12 -6.94 9.95 1.35
CA PRO A 12 -6.64 10.88 2.40
C PRO A 12 -5.80 10.12 3.38
N PRO A 13 -5.09 10.76 4.26
CA PRO A 13 -4.26 10.02 5.15
C PRO A 13 -5.03 9.32 6.27
N SER A 14 -6.05 8.52 5.92
CA SER A 14 -6.71 7.77 6.97
C SER A 14 -5.69 6.72 7.37
N TYR A 15 -4.92 6.30 6.36
CA TYR A 15 -3.82 5.38 6.58
C TYR A 15 -2.52 6.16 6.75
N THR A 16 -1.91 5.99 7.87
CA THR A 16 -0.65 6.63 8.17
C THR A 16 0.40 5.52 8.22
N GLN A 17 1.65 5.83 8.54
CA GLN A 17 2.69 4.81 8.49
C GLN A 17 2.43 3.65 9.45
N ARG A 18 2.25 3.96 10.72
CA ARG A 18 1.99 2.93 11.71
C ARG A 18 0.71 2.13 11.47
N ASN A 19 -0.37 2.82 11.12
CA ASN A 19 -1.66 2.15 10.95
C ASN A 19 -1.64 1.26 9.73
N ILE A 20 -0.98 1.76 8.70
CA ILE A 20 -0.81 1.02 7.48
C ILE A 20 0.05 -0.20 7.78
N ARG A 21 1.04 -0.03 8.67
CA ARG A 21 1.97 -1.07 9.07
C ARG A 21 1.26 -2.14 9.89
N ASP A 22 0.43 -1.71 10.83
CA ASP A 22 -0.30 -2.67 11.65
C ASP A 22 -1.28 -3.40 10.74
N LEU A 23 -1.93 -2.66 9.86
CA LEU A 23 -2.83 -3.26 8.89
C LEU A 23 -2.03 -4.17 7.99
N LEU A 24 -0.85 -3.73 7.66
CA LEU A 24 0.04 -4.46 6.77
C LEU A 24 0.60 -5.70 7.40
N GLN A 25 1.15 -5.61 8.55
CA GLN A 25 1.75 -6.76 9.14
C GLN A 25 0.68 -7.72 9.70
N ASP A 26 -0.51 -7.23 10.00
CA ASP A 26 -1.52 -8.10 10.59
C ASP A 26 -2.44 -8.57 9.50
N ILE A 27 -2.83 -7.68 8.62
CA ILE A 27 -3.61 -8.10 7.50
C ILE A 27 -2.66 -8.81 6.55
N ASN A 28 -1.43 -8.29 6.37
CA ASN A 28 -0.52 -8.94 5.45
C ASN A 28 0.92 -9.25 5.88
N VAL A 29 1.10 -9.73 7.09
CA VAL A 29 2.43 -10.09 7.62
C VAL A 29 3.54 -9.03 7.38
N VAL A 30 3.92 -8.36 8.46
CA VAL A 30 4.96 -7.29 8.53
C VAL A 30 5.28 -6.52 7.24
N ALA A 31 4.90 -5.22 7.18
CA ALA A 31 5.28 -4.45 6.03
C ALA A 31 6.73 -4.10 6.29
N LEU A 32 7.62 -4.43 5.38
CA LEU A 32 9.04 -4.20 5.63
C LEU A 32 9.36 -2.71 5.63
N SER A 33 8.73 -1.97 4.75
CA SER A 33 8.93 -0.54 4.67
C SER A 33 7.77 0.14 3.95
N ILE A 34 7.10 1.04 4.65
CA ILE A 34 6.02 1.78 4.04
C ILE A 34 6.54 3.16 3.74
N ARG A 35 6.36 3.58 2.53
CA ARG A 35 6.85 4.85 2.14
C ARG A 35 5.82 5.75 1.58
N LEU A 36 5.52 6.76 2.33
CA LEU A 36 4.68 7.80 1.83
C LEU A 36 5.69 8.93 1.63
N PRO A 37 6.25 9.07 0.41
CA PRO A 37 7.28 10.04 0.16
C PRO A 37 6.58 11.38 0.03
N SER A 38 5.64 11.39 -0.88
CA SER A 38 4.70 12.47 -1.06
C SER A 38 4.10 12.78 0.29
N LEU A 39 3.94 14.10 0.63
CA LEU A 39 3.48 14.57 1.96
C LEU A 39 4.60 15.39 2.61
N ARG A 40 5.83 15.01 2.29
CA ARG A 40 7.03 15.71 2.77
C ARG A 40 6.89 17.20 2.38
N PHE A 41 6.59 17.46 1.10
CA PHE A 41 6.34 18.83 0.62
C PHE A 41 4.96 19.32 1.09
N ASN A 42 3.98 18.44 1.01
CA ASN A 42 2.62 18.74 1.41
C ASN A 42 1.73 17.54 1.16
N THR A 43 0.53 17.55 1.70
CA THR A 43 -0.42 16.44 1.56
C THR A 43 -0.89 16.25 0.09
N SER A 44 -0.20 16.89 -0.86
CA SER A 44 -0.56 16.84 -2.29
C SER A 44 -0.81 15.42 -2.83
N ARG A 45 0.17 14.83 -3.48
CA ARG A 45 0.03 13.47 -4.02
C ARG A 45 0.36 12.40 -2.99
N ARG A 46 -0.44 12.39 -1.93
CA ARG A 46 -0.28 11.50 -0.76
C ARG A 46 -0.05 9.99 -1.01
N PHE A 47 0.10 9.53 -2.26
CA PHE A 47 0.39 8.11 -2.55
C PHE A 47 1.47 7.52 -1.65
N ALA A 48 1.48 6.20 -1.53
CA ALA A 48 2.43 5.47 -0.71
C ALA A 48 2.95 4.24 -1.41
N TYR A 49 3.94 3.63 -0.80
CA TYR A 49 4.53 2.40 -1.27
C TYR A 49 4.73 1.49 -0.07
N ILE A 50 4.35 0.24 -0.20
CA ILE A 50 4.50 -0.73 0.88
C ILE A 50 5.42 -1.85 0.46
N ASP A 51 6.24 -2.35 1.37
CA ASP A 51 7.13 -3.45 1.04
C ASP A 51 6.70 -4.64 1.85
N VAL A 52 6.66 -5.80 1.24
CA VAL A 52 6.24 -6.97 1.97
C VAL A 52 7.27 -8.10 1.78
N THR A 53 7.11 -9.18 2.52
CA THR A 53 8.10 -10.27 2.52
C THR A 53 8.24 -11.11 1.23
N SER A 54 7.33 -11.01 0.27
CA SER A 54 7.52 -11.81 -0.96
C SER A 54 6.50 -11.39 -2.01
N LYS A 55 5.23 -11.67 -1.74
CA LYS A 55 4.17 -11.33 -2.67
C LYS A 55 2.79 -11.77 -2.16
N GLU A 56 2.72 -12.95 -1.57
CA GLU A 56 1.47 -13.47 -1.01
C GLU A 56 0.80 -12.39 -0.16
N ASP A 57 1.56 -11.84 0.76
CA ASP A 57 1.13 -10.77 1.63
C ASP A 57 0.89 -9.49 0.84
N ALA A 58 1.81 -9.18 -0.06
CA ALA A 58 1.67 -8.00 -0.93
C ALA A 58 0.37 -8.08 -1.73
N ARG A 59 0.04 -9.27 -2.16
CA ARG A 59 -1.19 -9.51 -2.91
C ARG A 59 -2.39 -9.41 -1.97
N TYR A 60 -2.14 -9.60 -0.68
CA TYR A 60 -3.19 -9.56 0.33
C TYR A 60 -3.63 -8.09 0.53
N CYS A 61 -2.65 -7.19 0.61
CA CYS A 61 -2.91 -5.76 0.77
C CYS A 61 -3.76 -5.19 -0.37
N VAL A 62 -3.33 -5.33 -1.64
CA VAL A 62 -4.08 -4.81 -2.78
C VAL A 62 -5.54 -5.27 -2.75
N GLU A 63 -5.77 -6.51 -2.34
CA GLU A 63 -7.11 -7.05 -2.29
C GLU A 63 -7.99 -6.34 -1.24
N LYS A 64 -7.42 -6.05 -0.07
CA LYS A 64 -8.19 -5.45 1.04
C LYS A 64 -8.62 -3.99 0.84
N LEU A 65 -7.71 -3.10 0.46
CA LEU A 65 -8.06 -1.67 0.37
C LEU A 65 -8.35 -1.12 -1.04
N ASN A 66 -8.11 -1.88 -2.10
CA ASN A 66 -8.35 -1.31 -3.44
C ASN A 66 -9.85 -1.20 -3.76
N GLY A 67 -10.29 0.01 -4.11
CA GLY A 67 -11.68 0.23 -4.45
C GLY A 67 -12.49 0.80 -3.29
N LEU A 68 -11.80 1.31 -2.27
CA LEU A 68 -12.47 1.88 -1.11
C LEU A 68 -12.70 3.38 -1.29
N LYS A 69 -13.96 3.79 -1.16
CA LYS A 69 -14.31 5.20 -1.24
C LYS A 69 -14.01 5.83 0.09
N ILE A 70 -12.95 6.58 0.07
CA ILE A 70 -12.39 7.20 1.23
C ILE A 70 -12.56 8.73 1.20
N GLU A 71 -13.60 9.21 1.87
CA GLU A 71 -13.88 10.64 1.94
C GLU A 71 -14.10 11.23 0.54
N GLY A 72 -14.40 10.36 -0.43
CA GLY A 72 -14.65 10.82 -1.79
C GLY A 72 -13.58 10.36 -2.79
N TYR A 73 -12.61 9.57 -2.32
CA TYR A 73 -11.53 9.10 -3.19
C TYR A 73 -11.51 7.58 -3.24
N THR A 74 -11.25 7.00 -4.40
CA THR A 74 -11.18 5.56 -4.52
C THR A 74 -9.72 5.11 -4.33
N LEU A 75 -9.44 4.22 -3.37
CA LEU A 75 -8.07 3.77 -3.17
C LEU A 75 -7.59 2.94 -4.34
N VAL A 76 -6.37 3.22 -4.74
CA VAL A 76 -5.72 2.48 -5.81
C VAL A 76 -4.60 1.67 -5.19
N THR A 77 -4.98 0.64 -4.46
CA THR A 77 -4.04 -0.25 -3.84
C THR A 77 -3.65 -1.32 -4.84
N LYS A 78 -2.39 -1.36 -5.18
CA LYS A 78 -1.89 -2.29 -6.18
C LYS A 78 -0.55 -2.86 -5.80
N VAL A 79 -0.23 -4.03 -6.30
CA VAL A 79 1.06 -4.64 -6.02
C VAL A 79 1.97 -4.43 -7.24
N SER A 80 3.26 -4.73 -7.10
CA SER A 80 4.22 -4.53 -8.19
C SER A 80 3.78 -5.21 -9.50
N ASN A 81 4.42 -4.80 -10.58
CA ASN A 81 4.11 -5.31 -11.92
C ASN A 81 4.50 -6.79 -12.03
N PRO A 82 3.61 -7.60 -12.61
CA PRO A 82 3.83 -9.04 -12.78
C PRO A 82 5.02 -9.34 -13.69
N LEU A 83 5.93 -10.17 -13.20
CA LEU A 83 7.12 -10.57 -13.94
C LEU A 83 7.27 -12.07 -13.87
N GLU A 84 7.16 -12.60 -12.66
CA GLU A 84 7.26 -14.03 -12.43
C GLU A 84 5.87 -14.63 -12.26
N LEU A 85 5.04 -13.95 -11.48
CA LEU A 85 3.68 -14.38 -11.22
C LEU A 85 2.79 -13.15 -11.03
N GLU A 86 1.50 -13.28 -11.30
CA GLU A 86 0.56 -12.19 -11.13
C GLU A 86 0.58 -11.68 -9.69
N MET A 1 9.17 -15.36 -5.84
CA MET A 1 8.55 -14.02 -5.75
C MET A 1 9.56 -13.01 -5.22
N THR A 2 9.65 -11.86 -5.86
CA THR A 2 10.60 -10.83 -5.44
C THR A 2 10.09 -9.43 -5.75
N GLU A 3 8.80 -9.30 -6.05
CA GLU A 3 8.24 -7.98 -6.33
C GLU A 3 7.85 -7.30 -5.02
N CYS A 4 7.03 -7.98 -4.21
CA CYS A 4 6.57 -7.53 -2.87
C CYS A 4 6.34 -6.01 -2.58
N THR A 5 6.49 -5.10 -3.52
CA THR A 5 6.29 -3.69 -3.22
C THR A 5 5.01 -3.14 -3.85
N LEU A 6 4.12 -2.68 -3.00
CA LEU A 6 2.84 -2.11 -3.44
C LEU A 6 2.89 -0.58 -3.50
N TRP A 7 1.98 -0.01 -4.28
CA TRP A 7 1.85 1.42 -4.41
C TRP A 7 0.38 1.80 -4.15
N MET A 8 0.18 2.81 -3.33
CA MET A 8 -1.17 3.27 -3.01
C MET A 8 -1.31 4.71 -3.45
N THR A 9 -2.45 5.08 -4.01
CA THR A 9 -2.65 6.42 -4.50
C THR A 9 -4.02 6.93 -4.12
N ASN A 10 -4.13 8.25 -3.95
CA ASN A 10 -5.38 8.92 -3.53
C ASN A 10 -6.01 8.20 -2.34
N PHE A 11 -5.97 8.86 -1.20
CA PHE A 11 -6.46 8.28 0.04
C PHE A 11 -6.12 9.21 1.19
N PRO A 12 -7.09 9.47 2.11
CA PRO A 12 -6.85 10.29 3.30
C PRO A 12 -5.70 9.69 4.08
N PRO A 13 -4.93 10.49 4.83
CA PRO A 13 -3.77 9.96 5.54
C PRO A 13 -4.10 9.04 6.71
N SER A 14 -5.36 8.61 6.80
CA SER A 14 -5.75 7.63 7.80
C SER A 14 -4.71 6.53 7.77
N TYR A 15 -4.24 6.25 6.55
CA TYR A 15 -3.17 5.30 6.35
C TYR A 15 -1.85 6.03 6.46
N THR A 16 -1.10 5.66 7.45
CA THR A 16 0.19 6.26 7.69
C THR A 16 1.21 5.15 7.64
N GLN A 17 2.46 5.43 7.86
CA GLN A 17 3.49 4.43 7.73
C GLN A 17 3.25 3.29 8.71
N ARG A 18 2.91 3.62 9.94
CA ARG A 18 2.61 2.61 10.94
C ARG A 18 1.30 1.87 10.70
N ASN A 19 0.21 2.62 10.49
CA ASN A 19 -1.12 2.00 10.33
C ASN A 19 -1.18 1.15 9.08
N ILE A 20 -0.54 1.65 8.03
CA ILE A 20 -0.45 0.94 6.78
C ILE A 20 0.33 -0.34 7.02
N ARG A 21 1.30 -0.27 7.96
CA ARG A 21 2.14 -1.40 8.28
C ARG A 21 1.40 -2.37 9.17
N ASP A 22 0.56 -1.83 10.03
CA ASP A 22 -0.24 -2.65 10.94
C ASP A 22 -1.28 -3.36 10.10
N LEU A 23 -1.89 -2.60 9.20
CA LEU A 23 -2.86 -3.16 8.28
C LEU A 23 -2.18 -4.16 7.38
N LEU A 24 -0.99 -3.80 6.96
CA LEU A 24 -0.22 -4.64 6.06
C LEU A 24 0.40 -5.82 6.74
N GLN A 25 0.86 -5.69 7.94
CA GLN A 25 1.45 -6.83 8.63
C GLN A 25 0.42 -7.80 9.26
N ASP A 26 -0.78 -7.33 9.61
CA ASP A 26 -1.74 -8.21 10.30
C ASP A 26 -2.79 -8.59 9.31
N ILE A 27 -3.34 -7.61 8.64
CA ILE A 27 -4.25 -7.91 7.61
C ILE A 27 -3.45 -8.54 6.46
N ASN A 28 -2.19 -8.07 6.24
CA ASN A 28 -1.42 -8.64 5.13
C ASN A 28 -0.04 -9.28 5.40
N VAL A 29 0.33 -9.48 6.64
CA VAL A 29 1.63 -10.08 7.01
C VAL A 29 2.83 -9.10 6.79
N VAL A 30 3.42 -8.63 7.91
CA VAL A 30 4.58 -7.68 7.99
C VAL A 30 4.97 -6.88 6.74
N ALA A 31 4.83 -5.54 6.84
CA ALA A 31 5.27 -4.68 5.80
C ALA A 31 6.72 -4.34 6.12
N LEU A 32 7.64 -4.79 5.26
CA LEU A 32 9.07 -4.62 5.54
C LEU A 32 9.50 -3.16 5.46
N SER A 33 9.13 -2.50 4.40
CA SER A 33 9.49 -1.10 4.23
C SER A 33 8.38 -0.34 3.52
N ILE A 34 7.80 0.58 4.24
CA ILE A 34 6.74 1.41 3.71
C ILE A 34 7.29 2.80 3.61
N ARG A 35 7.18 3.34 2.44
CA ARG A 35 7.68 4.64 2.19
C ARG A 35 6.64 5.52 1.58
N LEU A 36 6.25 6.50 2.35
CA LEU A 36 5.31 7.48 1.88
C LEU A 36 6.18 8.63 1.43
N PRO A 37 6.50 8.73 0.12
CA PRO A 37 7.41 9.77 -0.37
C PRO A 37 6.77 11.15 -0.26
N SER A 38 5.60 11.29 -0.82
CA SER A 38 4.91 12.56 -0.84
C SER A 38 4.46 12.98 0.56
N LEU A 39 3.99 14.22 0.68
CA LEU A 39 3.49 14.83 1.93
C LEU A 39 4.63 15.51 2.68
N ARG A 40 5.75 15.69 1.97
CA ARG A 40 6.94 16.37 2.47
C ARG A 40 7.02 17.75 1.88
N PHE A 41 5.90 18.23 1.35
CA PHE A 41 5.88 19.54 0.70
C PHE A 41 4.48 20.14 0.70
N ASN A 42 3.50 19.36 0.26
CA ASN A 42 2.14 19.84 0.20
C ASN A 42 1.18 18.73 0.60
N THR A 43 0.02 19.14 1.08
CA THR A 43 -1.01 18.22 1.53
C THR A 43 -1.99 17.86 0.40
N SER A 44 -1.54 16.99 -0.52
CA SER A 44 -2.40 16.60 -1.65
C SER A 44 -2.14 15.16 -2.12
N ARG A 45 -1.06 14.96 -2.89
CA ARG A 45 -0.70 13.65 -3.45
C ARG A 45 -0.12 12.71 -2.40
N ARG A 46 -0.91 12.33 -1.41
CA ARG A 46 -0.46 11.47 -0.30
C ARG A 46 -0.07 10.03 -0.67
N PHE A 47 0.06 9.70 -1.96
CA PHE A 47 0.46 8.34 -2.39
C PHE A 47 1.67 7.75 -1.60
N ALA A 48 1.69 6.41 -1.52
CA ALA A 48 2.73 5.68 -0.77
C ALA A 48 3.15 4.39 -1.45
N TYR A 49 4.16 3.74 -0.86
CA TYR A 49 4.66 2.47 -1.33
C TYR A 49 4.87 1.60 -0.10
N ILE A 50 4.45 0.37 -0.14
CA ILE A 50 4.67 -0.51 0.99
C ILE A 50 5.36 -1.77 0.52
N ASP A 51 6.18 -2.37 1.35
CA ASP A 51 6.91 -3.56 0.96
C ASP A 51 6.43 -4.75 1.78
N VAL A 52 6.35 -5.88 1.14
CA VAL A 52 5.92 -7.08 1.80
C VAL A 52 7.04 -8.15 1.69
N THR A 53 6.86 -9.32 2.27
CA THR A 53 7.95 -10.32 2.30
C THR A 53 8.18 -11.16 1.03
N SER A 54 7.27 -11.17 0.10
CA SER A 54 7.46 -11.97 -1.11
C SER A 54 6.51 -11.50 -2.15
N LYS A 55 5.22 -11.68 -1.90
CA LYS A 55 4.21 -11.26 -2.83
C LYS A 55 2.82 -11.78 -2.48
N GLU A 56 2.72 -13.01 -1.98
CA GLU A 56 1.44 -13.59 -1.59
C GLU A 56 0.69 -12.58 -0.72
N ASP A 57 1.45 -12.02 0.19
CA ASP A 57 1.03 -11.00 1.13
C ASP A 57 0.69 -9.70 0.40
N ALA A 58 1.59 -9.26 -0.45
CA ALA A 58 1.38 -8.03 -1.22
C ALA A 58 0.13 -8.16 -2.09
N ARG A 59 -0.05 -9.35 -2.64
CA ARG A 59 -1.22 -9.67 -3.45
C ARG A 59 -2.48 -9.50 -2.61
N TYR A 60 -2.32 -9.73 -1.30
CA TYR A 60 -3.42 -9.62 -0.36
C TYR A 60 -3.76 -8.13 -0.14
N CYS A 61 -2.73 -7.31 0.07
CA CYS A 61 -2.90 -5.87 0.28
C CYS A 61 -3.72 -5.19 -0.84
N VAL A 62 -3.27 -5.30 -2.11
CA VAL A 62 -4.00 -4.70 -3.22
C VAL A 62 -5.45 -5.20 -3.22
N GLU A 63 -5.61 -6.47 -2.90
CA GLU A 63 -6.92 -7.09 -2.88
C GLU A 63 -7.84 -6.49 -1.82
N LYS A 64 -7.30 -6.24 -0.63
CA LYS A 64 -8.10 -5.72 0.49
C LYS A 64 -8.56 -4.27 0.34
N LEU A 65 -7.65 -3.36 -0.04
CA LEU A 65 -8.01 -1.94 -0.11
C LEU A 65 -8.28 -1.34 -1.50
N ASN A 66 -7.90 -2.00 -2.58
CA ASN A 66 -8.11 -1.37 -3.90
C ASN A 66 -9.60 -1.21 -4.23
N GLY A 67 -9.95 -0.03 -4.75
CA GLY A 67 -11.32 0.24 -5.14
C GLY A 67 -12.20 0.57 -3.95
N LEU A 68 -11.65 1.28 -2.97
CA LEU A 68 -12.43 1.65 -1.80
C LEU A 68 -12.57 3.15 -1.72
N LYS A 69 -13.77 3.63 -1.43
CA LYS A 69 -14.00 5.05 -1.33
C LYS A 69 -13.93 5.42 0.13
N ILE A 70 -12.94 6.21 0.46
CA ILE A 70 -12.72 6.60 1.84
C ILE A 70 -12.81 8.12 1.96
N GLU A 71 -13.87 8.60 2.63
CA GLU A 71 -14.10 10.03 2.82
C GLU A 71 -14.36 10.73 1.48
N GLY A 72 -14.75 9.93 0.48
CA GLY A 72 -15.06 10.46 -0.84
C GLY A 72 -13.98 10.22 -1.88
N TYR A 73 -12.91 9.55 -1.49
CA TYR A 73 -11.80 9.28 -2.40
C TYR A 73 -11.66 7.78 -2.69
N THR A 74 -11.43 7.43 -3.95
CA THR A 74 -11.28 6.02 -4.33
C THR A 74 -9.80 5.63 -4.23
N LEU A 75 -9.50 4.60 -3.44
CA LEU A 75 -8.12 4.18 -3.26
C LEU A 75 -7.62 3.32 -4.41
N VAL A 76 -6.38 3.61 -4.80
CA VAL A 76 -5.72 2.89 -5.86
C VAL A 76 -4.59 2.07 -5.26
N THR A 77 -4.94 0.99 -4.58
CA THR A 77 -3.97 0.10 -4.00
C THR A 77 -3.56 -0.90 -5.06
N LYS A 78 -2.27 -0.91 -5.38
CA LYS A 78 -1.75 -1.77 -6.42
C LYS A 78 -0.41 -2.37 -6.01
N VAL A 79 -0.07 -3.52 -6.59
CA VAL A 79 1.21 -4.16 -6.27
C VAL A 79 2.20 -3.91 -7.41
N SER A 80 3.47 -4.16 -7.17
CA SER A 80 4.50 -3.97 -8.20
C SER A 80 4.29 -4.89 -9.39
N ASN A 81 5.06 -4.65 -10.45
CA ASN A 81 4.99 -5.45 -11.67
C ASN A 81 5.22 -6.91 -11.32
N PRO A 82 4.33 -7.80 -11.77
CA PRO A 82 4.43 -9.22 -11.49
C PRO A 82 5.59 -9.90 -12.23
N LEU A 83 6.37 -10.67 -11.49
CA LEU A 83 7.49 -11.38 -12.08
C LEU A 83 7.25 -12.89 -11.94
N GLU A 84 6.77 -13.31 -10.77
CA GLU A 84 6.47 -14.72 -10.56
C GLU A 84 4.99 -14.92 -10.27
N LEU A 85 4.36 -13.92 -9.67
CA LEU A 85 2.95 -13.98 -9.34
C LEU A 85 2.29 -12.64 -9.64
N GLU A 86 1.12 -12.67 -10.25
CA GLU A 86 0.38 -11.45 -10.58
C GLU A 86 0.14 -10.61 -9.33
N MET A 1 9.07 -15.32 -5.99
CA MET A 1 8.91 -14.39 -4.84
C MET A 1 10.02 -13.35 -4.87
N THR A 2 9.78 -12.22 -5.54
CA THR A 2 10.82 -11.20 -5.64
C THR A 2 10.30 -9.76 -5.87
N GLU A 3 9.00 -9.53 -6.02
CA GLU A 3 8.51 -8.15 -6.27
C GLU A 3 8.24 -7.37 -4.96
N CYS A 4 7.39 -7.88 -4.05
CA CYS A 4 7.11 -7.25 -2.73
C CYS A 4 6.67 -5.78 -2.66
N THR A 5 7.00 -4.94 -3.63
CA THR A 5 6.66 -3.52 -3.48
C THR A 5 5.36 -3.09 -4.15
N LEU A 6 4.42 -2.68 -3.32
CA LEU A 6 3.13 -2.14 -3.77
C LEU A 6 3.13 -0.62 -3.83
N TRP A 7 2.19 -0.08 -4.60
CA TRP A 7 2.00 1.36 -4.72
C TRP A 7 0.53 1.71 -4.46
N MET A 8 0.29 2.71 -3.63
CA MET A 8 -1.07 3.17 -3.31
C MET A 8 -1.20 4.60 -3.75
N THR A 9 -2.36 4.99 -4.26
CA THR A 9 -2.54 6.35 -4.73
C THR A 9 -3.90 6.84 -4.30
N ASN A 10 -3.99 8.15 -4.01
CA ASN A 10 -5.24 8.78 -3.56
C ASN A 10 -5.90 7.98 -2.45
N PHE A 11 -5.89 8.56 -1.28
CA PHE A 11 -6.40 7.92 -0.10
C PHE A 11 -6.14 8.85 1.08
N PRO A 12 -7.10 8.98 2.02
CA PRO A 12 -6.94 9.85 3.17
C PRO A 12 -5.74 9.41 3.99
N PRO A 13 -5.04 10.34 4.66
CA PRO A 13 -3.86 9.97 5.43
C PRO A 13 -4.19 9.10 6.63
N SER A 14 -5.46 8.70 6.72
CA SER A 14 -5.89 7.76 7.72
C SER A 14 -4.87 6.63 7.75
N TYR A 15 -4.38 6.28 6.55
CA TYR A 15 -3.34 5.29 6.41
C TYR A 15 -1.99 5.94 6.58
N THR A 16 -1.51 5.95 7.81
CA THR A 16 -0.23 6.54 8.09
C THR A 16 0.79 5.41 8.15
N GLN A 17 2.03 5.70 8.45
CA GLN A 17 3.07 4.69 8.42
C GLN A 17 2.75 3.54 9.36
N ARG A 18 2.30 3.88 10.55
CA ARG A 18 1.93 2.88 11.54
C ARG A 18 0.64 2.12 11.23
N ASN A 19 -0.41 2.85 10.82
CA ASN A 19 -1.71 2.22 10.58
C ASN A 19 -1.67 1.38 9.33
N ILE A 20 -0.95 1.89 8.35
CA ILE A 20 -0.76 1.17 7.12
C ILE A 20 -0.01 -0.10 7.48
N ARG A 21 0.91 -0.02 8.46
CA ARG A 21 1.69 -1.14 8.92
C ARG A 21 0.83 -2.10 9.71
N ASP A 22 0.00 -1.59 10.60
CA ASP A 22 -0.87 -2.47 11.38
C ASP A 22 -1.78 -3.22 10.42
N LEU A 23 -2.25 -2.50 9.42
CA LEU A 23 -3.09 -3.08 8.36
C LEU A 23 -2.23 -4.00 7.49
N LEU A 24 -1.02 -3.55 7.24
CA LEU A 24 -0.08 -4.26 6.37
C LEU A 24 0.49 -5.49 6.99
N GLN A 25 0.98 -5.39 8.15
CA GLN A 25 1.58 -6.52 8.80
C GLN A 25 0.54 -7.50 9.34
N ASP A 26 -0.67 -7.05 9.61
CA ASP A 26 -1.64 -7.93 10.26
C ASP A 26 -2.65 -8.37 9.26
N ILE A 27 -3.20 -7.43 8.55
CA ILE A 27 -4.08 -7.81 7.51
C ILE A 27 -3.22 -8.40 6.40
N ASN A 28 -2.02 -7.82 6.18
CA ASN A 28 -1.20 -8.33 5.10
C ASN A 28 0.18 -8.92 5.41
N VAL A 29 0.44 -9.25 6.65
CA VAL A 29 1.74 -9.81 7.06
C VAL A 29 2.90 -8.79 6.94
N VAL A 30 3.46 -8.39 8.10
CA VAL A 30 4.56 -7.41 8.23
C VAL A 30 5.01 -6.67 6.98
N ALA A 31 4.73 -5.34 6.86
CA ALA A 31 5.25 -4.67 5.72
C ALA A 31 6.73 -4.46 6.02
N LEU A 32 7.58 -4.33 5.01
CA LEU A 32 9.01 -4.22 5.27
C LEU A 32 9.41 -2.75 5.38
N SER A 33 8.94 -1.96 4.44
CA SER A 33 9.23 -0.55 4.42
C SER A 33 8.11 0.17 3.70
N ILE A 34 7.35 0.93 4.45
CA ILE A 34 6.26 1.68 3.88
C ILE A 34 6.75 3.06 3.57
N ARG A 35 6.57 3.43 2.33
CA ARG A 35 6.99 4.72 1.86
C ARG A 35 5.78 5.48 1.40
N LEU A 36 5.35 6.46 2.12
CA LEU A 36 4.32 7.31 1.61
C LEU A 36 5.15 8.50 1.19
N PRO A 37 5.61 8.46 -0.08
CA PRO A 37 6.54 9.43 -0.59
C PRO A 37 6.05 10.86 -0.45
N SER A 38 6.94 11.81 -0.62
CA SER A 38 6.58 13.17 -0.28
C SER A 38 5.86 13.37 1.06
N LEU A 39 5.51 14.63 1.29
CA LEU A 39 4.79 15.16 2.46
C LEU A 39 5.75 16.04 3.22
N ARG A 40 6.78 16.40 2.46
CA ARG A 40 7.79 17.35 2.85
C ARG A 40 7.46 18.73 2.19
N PHE A 41 6.83 18.67 1.00
CA PHE A 41 6.42 19.87 0.25
C PHE A 41 5.11 20.46 0.78
N ASN A 42 4.16 19.58 1.08
CA ASN A 42 2.82 19.96 1.50
C ASN A 42 1.95 18.73 1.66
N THR A 43 0.72 18.96 2.08
CA THR A 43 -0.26 17.91 2.27
C THR A 43 -1.02 17.59 0.95
N SER A 44 -0.28 17.20 -0.10
CA SER A 44 -0.90 16.94 -1.41
C SER A 44 -1.01 15.45 -1.84
N ARG A 45 -0.01 14.95 -2.61
CA ARG A 45 -0.05 13.57 -3.16
C ARG A 45 0.10 12.47 -2.11
N ARG A 46 -1.03 12.02 -1.61
CA ARG A 46 -1.12 10.94 -0.63
C ARG A 46 -0.48 9.61 -1.02
N PHE A 47 -0.20 9.37 -2.29
CA PHE A 47 0.37 8.07 -2.73
C PHE A 47 1.48 7.51 -1.83
N ALA A 48 1.51 6.18 -1.78
CA ALA A 48 2.46 5.43 -0.97
C ALA A 48 3.00 4.21 -1.70
N TYR A 49 4.00 3.61 -1.09
CA TYR A 49 4.63 2.41 -1.54
C TYR A 49 4.74 1.52 -0.32
N ILE A 50 4.36 0.29 -0.47
CA ILE A 50 4.40 -0.64 0.64
C ILE A 50 5.34 -1.75 0.27
N ASP A 51 6.14 -2.21 1.20
CA ASP A 51 7.02 -3.30 0.91
C ASP A 51 6.53 -4.44 1.74
N VAL A 52 6.48 -5.62 1.18
CA VAL A 52 6.00 -6.74 1.96
C VAL A 52 7.04 -7.85 1.97
N THR A 53 6.79 -8.89 2.75
CA THR A 53 7.79 -9.95 2.88
C THR A 53 8.08 -10.74 1.58
N SER A 54 7.22 -10.73 0.55
CA SER A 54 7.54 -11.54 -0.65
C SER A 54 6.56 -11.29 -1.77
N LYS A 55 5.28 -11.57 -1.53
CA LYS A 55 4.26 -11.38 -2.55
C LYS A 55 2.91 -11.97 -2.19
N GLU A 56 2.84 -13.06 -1.43
CA GLU A 56 1.53 -13.60 -1.04
C GLU A 56 0.78 -12.51 -0.28
N ASP A 57 1.57 -11.89 0.56
CA ASP A 57 1.19 -10.78 1.39
C ASP A 57 0.92 -9.54 0.56
N ALA A 58 1.89 -9.16 -0.28
CA ALA A 58 1.71 -7.99 -1.14
C ALA A 58 0.51 -8.16 -2.05
N ARG A 59 0.27 -9.37 -2.52
CA ARG A 59 -0.92 -9.62 -3.33
C ARG A 59 -2.15 -9.32 -2.49
N TYR A 60 -2.06 -9.59 -1.20
CA TYR A 60 -3.20 -9.39 -0.30
C TYR A 60 -3.50 -7.89 -0.17
N CYS A 61 -2.46 -7.07 0.02
CA CYS A 61 -2.63 -5.63 0.14
C CYS A 61 -3.45 -5.06 -1.03
N VAL A 62 -2.99 -5.29 -2.27
CA VAL A 62 -3.72 -4.80 -3.43
C VAL A 62 -5.16 -5.34 -3.44
N GLU A 63 -5.34 -6.60 -3.07
CA GLU A 63 -6.67 -7.19 -3.08
C GLU A 63 -7.60 -6.56 -2.04
N LYS A 64 -7.10 -6.38 -0.81
CA LYS A 64 -7.93 -5.87 0.28
C LYS A 64 -8.39 -4.41 0.07
N LEU A 65 -7.47 -3.51 -0.21
CA LEU A 65 -7.81 -2.09 -0.33
C LEU A 65 -8.05 -1.56 -1.75
N ASN A 66 -7.68 -2.28 -2.80
CA ASN A 66 -7.87 -1.72 -4.15
C ASN A 66 -9.34 -1.51 -4.51
N GLY A 67 -9.67 -0.31 -4.99
CA GLY A 67 -11.03 0.01 -5.38
C GLY A 67 -11.93 0.24 -4.18
N LEU A 68 -11.35 0.71 -3.08
CA LEU A 68 -12.13 0.94 -1.88
C LEU A 68 -12.51 2.41 -1.77
N LYS A 69 -13.77 2.68 -1.47
CA LYS A 69 -14.23 4.06 -1.31
C LYS A 69 -13.85 4.50 0.09
N ILE A 70 -12.71 5.18 0.21
CA ILE A 70 -12.25 5.60 1.50
C ILE A 70 -12.52 7.09 1.73
N GLU A 71 -13.59 7.39 2.46
CA GLU A 71 -13.97 8.77 2.78
C GLU A 71 -14.25 9.61 1.53
N GLY A 72 -14.76 8.98 0.47
CA GLY A 72 -15.10 9.73 -0.74
C GLY A 72 -14.12 9.56 -1.90
N TYR A 73 -13.11 8.71 -1.75
CA TYR A 73 -12.12 8.49 -2.81
C TYR A 73 -12.01 7.03 -3.18
N THR A 74 -11.65 6.73 -4.42
CA THR A 74 -11.42 5.36 -4.81
C THR A 74 -9.93 5.07 -4.61
N LEU A 75 -9.59 4.07 -3.81
CA LEU A 75 -8.19 3.77 -3.57
C LEU A 75 -7.56 2.98 -4.71
N VAL A 76 -6.34 3.37 -5.06
CA VAL A 76 -5.62 2.69 -6.13
C VAL A 76 -4.45 1.93 -5.54
N THR A 77 -4.78 0.84 -4.88
CA THR A 77 -3.78 -0.03 -4.31
C THR A 77 -3.34 -1.04 -5.38
N LYS A 78 -2.06 -1.07 -5.67
CA LYS A 78 -1.53 -1.94 -6.71
C LYS A 78 -0.19 -2.50 -6.26
N VAL A 79 0.18 -3.65 -6.78
CA VAL A 79 1.47 -4.21 -6.44
C VAL A 79 2.40 -3.89 -7.59
N SER A 80 3.69 -4.14 -7.46
CA SER A 80 4.64 -3.82 -8.54
C SER A 80 4.27 -4.56 -9.81
N ASN A 81 5.00 -4.30 -10.91
CA ASN A 81 4.72 -4.97 -12.16
C ASN A 81 4.78 -6.47 -11.93
N PRO A 82 3.63 -7.16 -12.07
CA PRO A 82 3.53 -8.61 -11.83
C PRO A 82 4.62 -9.42 -12.52
N LEU A 83 5.26 -10.25 -11.74
CA LEU A 83 6.33 -11.10 -12.22
C LEU A 83 6.07 -12.53 -11.77
N GLU A 84 5.69 -12.68 -10.52
CA GLU A 84 5.40 -14.00 -9.96
C GLU A 84 3.96 -14.42 -10.24
N LEU A 85 3.01 -13.60 -9.84
CA LEU A 85 1.60 -13.90 -10.05
C LEU A 85 0.81 -12.62 -10.25
N GLU A 86 -0.07 -12.63 -11.25
CA GLU A 86 -0.90 -11.46 -11.56
C GLU A 86 -2.23 -11.56 -10.84
N MET A 1 11.11 -14.93 -5.38
CA MET A 1 9.66 -14.68 -5.47
C MET A 1 9.33 -13.82 -6.70
N THR A 2 8.08 -13.39 -6.85
CA THR A 2 7.67 -12.63 -8.04
C THR A 2 7.68 -11.11 -7.86
N GLU A 3 7.76 -10.63 -6.62
CA GLU A 3 7.71 -9.19 -6.33
C GLU A 3 7.61 -9.04 -4.81
N CYS A 4 7.19 -7.86 -4.32
CA CYS A 4 7.08 -7.60 -2.90
C CYS A 4 6.71 -6.14 -2.58
N THR A 5 6.96 -5.21 -3.51
CA THR A 5 6.68 -3.78 -3.24
C THR A 5 5.38 -3.30 -3.86
N LEU A 6 4.50 -2.75 -3.01
CA LEU A 6 3.21 -2.21 -3.44
C LEU A 6 3.22 -0.69 -3.66
N TRP A 7 2.24 -0.20 -4.42
CA TRP A 7 2.04 1.23 -4.64
C TRP A 7 0.56 1.57 -4.39
N MET A 8 0.32 2.57 -3.57
CA MET A 8 -1.05 3.00 -3.24
C MET A 8 -1.25 4.44 -3.68
N THR A 9 -2.43 4.80 -4.19
CA THR A 9 -2.63 6.15 -4.69
C THR A 9 -3.99 6.67 -4.29
N ASN A 10 -4.10 8.01 -4.19
CA ASN A 10 -5.34 8.69 -3.78
C ASN A 10 -6.02 7.99 -2.63
N PHE A 11 -5.97 8.64 -1.48
CA PHE A 11 -6.50 8.09 -0.27
C PHE A 11 -6.24 9.07 0.86
N PRO A 12 -7.26 9.39 1.66
CA PRO A 12 -7.11 10.27 2.81
C PRO A 12 -6.01 9.75 3.70
N PRO A 13 -5.34 10.58 4.51
CA PRO A 13 -4.25 10.11 5.34
C PRO A 13 -4.64 9.15 6.44
N SER A 14 -5.87 8.62 6.39
CA SER A 14 -6.26 7.57 7.31
C SER A 14 -5.12 6.57 7.29
N TYR A 15 -4.60 6.35 6.07
CA TYR A 15 -3.44 5.54 5.86
C TYR A 15 -2.23 6.44 5.91
N THR A 16 -1.29 6.06 6.68
CA THR A 16 -0.08 6.83 6.83
C THR A 16 1.04 5.83 6.94
N GLN A 17 2.05 6.09 7.72
CA GLN A 17 3.15 5.15 7.78
C GLN A 17 2.81 3.99 8.72
N ARG A 18 2.33 4.32 9.91
CA ARG A 18 1.98 3.29 10.89
C ARG A 18 0.73 2.47 10.55
N ASN A 19 -0.39 3.12 10.23
CA ASN A 19 -1.64 2.37 9.99
C ASN A 19 -1.52 1.50 8.75
N ILE A 20 -0.82 2.02 7.76
CA ILE A 20 -0.58 1.28 6.54
C ILE A 20 0.28 0.07 6.89
N ARG A 21 1.16 0.25 7.88
CA ARG A 21 2.06 -0.78 8.34
C ARG A 21 1.31 -1.79 9.19
N ASP A 22 0.38 -1.29 9.99
CA ASP A 22 -0.43 -2.16 10.85
C ASP A 22 -1.37 -2.95 9.97
N LEU A 23 -1.96 -2.26 9.01
CA LEU A 23 -2.84 -2.88 8.04
C LEU A 23 -2.05 -3.88 7.23
N LEU A 24 -0.85 -3.47 6.89
CA LEU A 24 0.03 -4.29 6.09
C LEU A 24 0.62 -5.43 6.86
N GLN A 25 0.95 -5.25 8.10
CA GLN A 25 1.50 -6.35 8.88
C GLN A 25 0.43 -7.31 9.48
N ASP A 26 -0.81 -6.87 9.71
CA ASP A 26 -1.82 -7.76 10.35
C ASP A 26 -2.78 -8.22 9.31
N ILE A 27 -3.28 -7.29 8.53
CA ILE A 27 -4.12 -7.69 7.46
C ILE A 27 -3.20 -8.32 6.41
N ASN A 28 -1.97 -7.78 6.26
CA ASN A 28 -1.06 -8.33 5.26
C ASN A 28 0.31 -8.87 5.68
N VAL A 29 0.56 -9.05 6.96
CA VAL A 29 1.87 -9.53 7.45
C VAL A 29 3.01 -8.48 7.22
N VAL A 30 3.60 -8.01 8.35
CA VAL A 30 4.69 -7.00 8.43
C VAL A 30 5.16 -6.31 7.14
N ALA A 31 5.00 -4.97 7.06
CA ALA A 31 5.49 -4.25 5.94
C ALA A 31 6.93 -3.86 6.26
N LEU A 32 7.89 -4.36 5.48
CA LEU A 32 9.31 -4.08 5.72
C LEU A 32 9.57 -2.57 5.83
N SER A 33 9.08 -1.83 4.87
CA SER A 33 9.25 -0.39 4.87
C SER A 33 8.17 0.27 4.03
N ILE A 34 7.58 1.32 4.56
CA ILE A 34 6.53 2.03 3.84
C ILE A 34 7.02 3.42 3.50
N ARG A 35 6.75 3.80 2.28
CA ARG A 35 7.15 5.09 1.79
C ARG A 35 5.95 5.91 1.43
N LEU A 36 5.67 6.93 2.20
CA LEU A 36 4.67 7.86 1.79
C LEU A 36 5.50 9.07 1.41
N PRO A 37 5.91 9.08 0.12
CA PRO A 37 6.85 10.06 -0.45
C PRO A 37 6.21 11.40 -0.50
N SER A 38 7.00 12.47 -0.26
CA SER A 38 6.39 13.78 -0.15
C SER A 38 5.74 13.77 1.22
N LEU A 39 5.10 14.87 1.61
CA LEU A 39 4.41 15.01 2.92
C LEU A 39 5.35 15.77 3.86
N ARG A 40 6.44 16.29 3.30
CA ARG A 40 7.38 17.11 4.05
C ARG A 40 6.86 18.54 4.04
N PHE A 41 6.44 18.95 2.86
CA PHE A 41 5.87 20.26 2.64
C PHE A 41 4.39 20.30 3.03
N ASN A 42 3.64 19.29 2.60
CA ASN A 42 2.20 19.23 2.88
C ASN A 42 1.65 17.85 2.50
N THR A 43 0.35 17.70 2.67
CA THR A 43 -0.35 16.44 2.39
C THR A 43 -0.77 16.29 0.91
N SER A 44 -0.24 17.14 0.05
CA SER A 44 -0.59 17.13 -1.38
C SER A 44 0.05 15.98 -2.19
N ARG A 45 0.13 14.77 -1.63
CA ARG A 45 0.73 13.63 -2.35
C ARG A 45 0.54 12.35 -1.54
N ARG A 46 -0.68 12.07 -1.20
CA ARG A 46 -1.04 10.91 -0.41
C ARG A 46 -0.37 9.58 -0.78
N PHE A 47 -0.28 9.31 -2.06
CA PHE A 47 0.28 8.04 -2.56
C PHE A 47 1.53 7.55 -1.81
N ALA A 48 1.63 6.23 -1.72
CA ALA A 48 2.70 5.56 -1.00
C ALA A 48 3.26 4.37 -1.78
N TYR A 49 4.31 3.81 -1.21
CA TYR A 49 4.96 2.62 -1.72
C TYR A 49 5.25 1.80 -0.49
N ILE A 50 4.97 0.52 -0.49
CA ILE A 50 5.23 -0.27 0.72
C ILE A 50 6.01 -1.52 0.38
N ASP A 51 6.79 -2.04 1.33
CA ASP A 51 7.55 -3.22 1.09
C ASP A 51 6.98 -4.28 1.94
N VAL A 52 6.78 -5.44 1.40
CA VAL A 52 6.18 -6.47 2.19
C VAL A 52 7.16 -7.61 2.34
N THR A 53 6.92 -8.49 3.30
CA THR A 53 7.87 -9.58 3.56
C THR A 53 8.16 -10.39 2.31
N SER A 54 7.22 -10.52 1.37
CA SER A 54 7.54 -11.26 0.16
C SER A 54 6.60 -10.99 -0.99
N LYS A 55 5.39 -11.47 -0.92
CA LYS A 55 4.48 -11.31 -2.05
C LYS A 55 3.11 -11.86 -1.75
N GLU A 56 3.01 -12.97 -1.04
CA GLU A 56 1.71 -13.51 -0.66
C GLU A 56 0.97 -12.38 0.06
N ASP A 57 1.78 -11.70 0.85
CA ASP A 57 1.40 -10.55 1.64
C ASP A 57 1.16 -9.31 0.77
N ALA A 58 2.14 -8.97 -0.08
CA ALA A 58 1.99 -7.81 -0.98
C ALA A 58 0.79 -8.00 -1.87
N ARG A 59 0.73 -9.13 -2.52
CA ARG A 59 -0.42 -9.47 -3.35
C ARG A 59 -1.70 -9.45 -2.50
N TYR A 60 -1.56 -9.65 -1.18
CA TYR A 60 -2.69 -9.64 -0.27
C TYR A 60 -3.20 -8.20 -0.06
N CYS A 61 -2.27 -7.26 0.14
CA CYS A 61 -2.62 -5.85 0.33
C CYS A 61 -3.46 -5.31 -0.82
N VAL A 62 -2.99 -5.44 -2.06
CA VAL A 62 -3.75 -4.98 -3.21
C VAL A 62 -5.13 -5.67 -3.23
N GLU A 63 -5.12 -6.94 -2.86
CA GLU A 63 -6.33 -7.75 -2.83
C GLU A 63 -7.37 -7.19 -1.84
N LYS A 64 -6.91 -6.81 -0.65
CA LYS A 64 -7.79 -6.31 0.42
C LYS A 64 -8.35 -4.88 0.23
N LEU A 65 -7.50 -3.93 -0.18
CA LEU A 65 -7.92 -2.53 -0.27
C LEU A 65 -8.26 -1.96 -1.63
N ASN A 66 -7.76 -2.53 -2.72
CA ASN A 66 -8.01 -1.93 -4.03
C ASN A 66 -9.50 -1.70 -4.30
N GLY A 67 -9.85 -0.49 -4.73
CA GLY A 67 -11.21 -0.18 -5.04
C GLY A 67 -12.01 0.26 -3.83
N LEU A 68 -11.33 0.73 -2.80
CA LEU A 68 -12.02 1.17 -1.59
C LEU A 68 -12.39 2.65 -1.71
N LYS A 69 -13.67 2.95 -1.57
CA LYS A 69 -14.13 4.32 -1.61
C LYS A 69 -14.06 4.83 -0.20
N ILE A 70 -13.15 5.74 0.03
CA ILE A 70 -12.91 6.27 1.35
C ILE A 70 -13.11 7.77 1.40
N GLU A 71 -14.22 8.20 1.99
CA GLU A 71 -14.55 9.62 2.13
C GLU A 71 -14.84 10.25 0.76
N GLY A 72 -15.09 9.40 -0.24
CA GLY A 72 -15.39 9.89 -1.57
C GLY A 72 -14.29 9.63 -2.58
N TYR A 73 -13.22 8.97 -2.15
CA TYR A 73 -12.09 8.68 -3.03
C TYR A 73 -11.89 7.19 -3.20
N THR A 74 -11.61 6.76 -4.42
CA THR A 74 -11.36 5.36 -4.71
C THR A 74 -9.87 5.06 -4.59
N LEU A 75 -9.51 4.10 -3.75
CA LEU A 75 -8.12 3.78 -3.51
C LEU A 75 -7.54 2.91 -4.62
N VAL A 76 -6.32 3.23 -5.01
CA VAL A 76 -5.62 2.49 -6.03
C VAL A 76 -4.47 1.72 -5.40
N THR A 77 -4.82 0.66 -4.70
CA THR A 77 -3.84 -0.20 -4.06
C THR A 77 -3.39 -1.25 -5.08
N LYS A 78 -2.11 -1.25 -5.36
CA LYS A 78 -1.56 -2.16 -6.34
C LYS A 78 -0.21 -2.72 -5.91
N VAL A 79 0.15 -3.88 -6.42
CA VAL A 79 1.44 -4.45 -6.11
C VAL A 79 2.33 -4.17 -7.33
N SER A 80 3.63 -4.34 -7.24
CA SER A 80 4.48 -4.02 -8.39
C SER A 80 4.18 -4.97 -9.56
N ASN A 81 4.71 -4.62 -10.74
CA ASN A 81 4.49 -5.36 -12.00
C ASN A 81 4.62 -6.88 -11.82
N PRO A 82 3.59 -7.62 -12.26
CA PRO A 82 3.57 -9.09 -12.18
C PRO A 82 4.55 -9.76 -13.14
N LEU A 83 5.21 -10.81 -12.66
CA LEU A 83 6.16 -11.54 -13.48
C LEU A 83 5.84 -13.03 -13.50
N GLU A 84 5.25 -13.52 -12.41
CA GLU A 84 4.90 -14.94 -12.30
C GLU A 84 3.48 -15.13 -11.77
N LEU A 85 3.01 -14.17 -10.96
CA LEU A 85 1.67 -14.27 -10.39
C LEU A 85 0.98 -12.90 -10.42
N GLU A 86 -0.24 -12.90 -10.93
CA GLU A 86 -1.05 -11.68 -11.02
C GLU A 86 -2.34 -11.87 -10.23
N MET A 1 11.89 -12.65 -2.71
CA MET A 1 11.43 -11.33 -3.20
C MET A 1 11.63 -11.22 -4.71
N THR A 2 10.55 -10.94 -5.44
CA THR A 2 10.61 -10.79 -6.89
C THR A 2 9.98 -9.46 -7.33
N GLU A 3 9.24 -8.85 -6.40
CA GLU A 3 8.59 -7.55 -6.61
C GLU A 3 8.15 -6.99 -5.25
N CYS A 4 7.22 -7.64 -4.54
CA CYS A 4 6.76 -7.22 -3.20
C CYS A 4 6.47 -5.73 -2.97
N THR A 5 6.72 -4.85 -3.93
CA THR A 5 6.49 -3.43 -3.68
C THR A 5 5.19 -2.97 -4.31
N LEU A 6 4.23 -2.76 -3.45
CA LEU A 6 2.92 -2.27 -3.87
C LEU A 6 2.87 -0.74 -3.90
N TRP A 7 2.11 -0.20 -4.84
CA TRP A 7 1.91 1.23 -4.94
C TRP A 7 0.49 1.56 -4.51
N MET A 8 0.37 2.47 -3.58
CA MET A 8 -0.91 2.91 -3.05
C MET A 8 -1.09 4.38 -3.42
N THR A 9 -2.25 4.77 -3.95
CA THR A 9 -2.43 6.15 -4.41
C THR A 9 -3.79 6.69 -3.99
N ASN A 10 -3.90 8.03 -3.94
CA ASN A 10 -5.13 8.74 -3.54
C ASN A 10 -5.87 8.04 -2.42
N PHE A 11 -5.85 8.67 -1.28
CA PHE A 11 -6.42 8.11 -0.09
C PHE A 11 -6.11 9.05 1.07
N PRO A 12 -7.14 9.41 1.87
CA PRO A 12 -6.94 10.29 3.02
C PRO A 12 -5.86 9.71 3.93
N PRO A 13 -5.13 10.55 4.67
CA PRO A 13 -4.03 10.08 5.51
C PRO A 13 -4.47 9.25 6.71
N SER A 14 -5.73 8.82 6.69
CA SER A 14 -6.25 7.92 7.71
C SER A 14 -5.25 6.76 7.87
N TYR A 15 -4.70 6.35 6.72
CA TYR A 15 -3.66 5.32 6.67
C TYR A 15 -2.31 6.01 6.71
N THR A 16 -1.30 5.47 6.02
CA THR A 16 0.01 6.10 5.91
C THR A 16 1.03 5.16 6.54
N GLN A 17 1.89 5.53 7.49
CA GLN A 17 2.86 4.54 7.89
C GLN A 17 2.33 3.46 8.84
N ARG A 18 2.15 3.79 10.10
CA ARG A 18 1.71 2.80 11.07
C ARG A 18 0.37 2.12 10.78
N ASN A 19 -0.65 2.88 10.36
CA ASN A 19 -1.97 2.27 10.19
C ASN A 19 -1.98 1.30 9.01
N ILE A 20 -1.24 1.64 7.98
CA ILE A 20 -1.14 0.78 6.81
C ILE A 20 -0.35 -0.46 7.21
N ARG A 21 0.64 -0.26 8.05
CA ARG A 21 1.55 -1.32 8.50
C ARG A 21 0.82 -2.30 9.38
N ASP A 22 -0.02 -1.78 10.24
CA ASP A 22 -0.79 -2.60 11.16
C ASP A 22 -1.86 -3.32 10.36
N LEU A 23 -2.52 -2.57 9.49
CA LEU A 23 -3.55 -3.13 8.62
C LEU A 23 -2.94 -4.21 7.79
N LEU A 24 -1.83 -3.86 7.20
CA LEU A 24 -1.15 -4.69 6.27
C LEU A 24 -0.49 -5.83 6.93
N GLN A 25 0.14 -5.64 8.05
CA GLN A 25 0.78 -6.77 8.62
C GLN A 25 -0.19 -7.72 9.32
N ASP A 26 -1.28 -7.23 9.85
CA ASP A 26 -2.21 -8.14 10.50
C ASP A 26 -3.04 -8.75 9.39
N ILE A 27 -3.24 -7.98 8.32
CA ILE A 27 -3.93 -8.53 7.20
C ILE A 27 -2.98 -9.39 6.35
N ASN A 28 -1.69 -9.01 6.25
CA ASN A 28 -0.76 -9.75 5.37
C ASN A 28 0.53 -10.35 5.94
N VAL A 29 0.86 -10.08 7.19
CA VAL A 29 2.09 -10.61 7.81
C VAL A 29 3.35 -9.69 7.62
N VAL A 30 3.21 -8.41 8.01
CA VAL A 30 4.32 -7.40 8.04
C VAL A 30 4.62 -6.72 6.73
N ALA A 31 4.47 -5.38 6.73
CA ALA A 31 4.83 -4.64 5.61
C ALA A 31 6.29 -4.22 5.88
N LEU A 32 7.23 -4.73 5.10
CA LEU A 32 8.66 -4.47 5.33
C LEU A 32 9.00 -2.98 5.36
N SER A 33 8.73 -2.27 4.29
CA SER A 33 9.03 -0.86 4.23
C SER A 33 7.94 -0.10 3.51
N ILE A 34 7.30 0.79 4.23
CA ILE A 34 6.23 1.60 3.66
C ILE A 34 6.83 2.95 3.30
N ARG A 35 6.60 3.33 2.07
CA ARG A 35 7.13 4.56 1.55
C ARG A 35 6.03 5.50 1.17
N LEU A 36 5.87 6.55 1.94
CA LEU A 36 4.94 7.57 1.56
C LEU A 36 5.83 8.66 1.02
N PRO A 37 6.10 8.60 -0.29
CA PRO A 37 7.03 9.50 -0.93
C PRO A 37 6.39 10.82 -1.07
N SER A 38 7.21 11.87 -1.22
CA SER A 38 6.65 13.16 -1.28
C SER A 38 6.11 13.43 0.16
N LEU A 39 5.58 14.62 0.42
CA LEU A 39 5.00 14.97 1.72
C LEU A 39 5.96 15.73 2.61
N ARG A 40 6.94 16.33 1.97
CA ARG A 40 7.88 17.22 2.63
C ARG A 40 7.38 18.65 2.46
N PHE A 41 6.90 18.93 1.24
CA PHE A 41 6.37 20.23 0.83
C PHE A 41 5.03 20.58 1.49
N ASN A 42 4.04 19.70 1.39
CA ASN A 42 2.71 19.96 1.91
C ASN A 42 1.87 18.69 1.92
N THR A 43 0.68 18.80 2.50
CA THR A 43 -0.28 17.71 2.60
C THR A 43 -0.98 17.48 1.23
N SER A 44 -0.20 17.16 0.20
CA SER A 44 -0.78 17.00 -1.13
C SER A 44 -0.88 15.53 -1.61
N ARG A 45 0.11 15.10 -2.40
CA ARG A 45 0.13 13.78 -3.02
C ARG A 45 0.26 12.60 -2.06
N ARG A 46 -0.87 12.19 -1.51
CA ARG A 46 -0.98 11.04 -0.58
C ARG A 46 -0.28 9.74 -1.01
N PHE A 47 -0.11 9.51 -2.30
CA PHE A 47 0.47 8.24 -2.79
C PHE A 47 1.65 7.70 -1.97
N ALA A 48 1.67 6.36 -1.88
CA ALA A 48 2.66 5.62 -1.13
C ALA A 48 3.06 4.33 -1.85
N TYR A 49 4.03 3.66 -1.28
CA TYR A 49 4.52 2.39 -1.77
C TYR A 49 4.67 1.54 -0.54
N ILE A 50 4.21 0.34 -0.58
CA ILE A 50 4.32 -0.51 0.57
C ILE A 50 5.13 -1.73 0.20
N ASP A 51 6.00 -2.20 1.08
CA ASP A 51 6.85 -3.32 0.74
C ASP A 51 6.48 -4.49 1.59
N VAL A 52 6.56 -5.66 1.03
CA VAL A 52 6.18 -6.84 1.76
C VAL A 52 7.26 -7.92 1.71
N THR A 53 7.16 -8.90 2.61
CA THR A 53 8.19 -9.93 2.73
C THR A 53 8.39 -10.78 1.46
N SER A 54 7.36 -11.07 0.68
CA SER A 54 7.60 -11.84 -0.52
C SER A 54 6.55 -11.59 -1.57
N LYS A 55 5.32 -12.01 -1.33
CA LYS A 55 4.27 -11.82 -2.33
C LYS A 55 2.91 -12.30 -1.88
N GLU A 56 2.85 -13.43 -1.17
CA GLU A 56 1.57 -13.93 -0.67
C GLU A 56 0.90 -12.77 0.07
N ASP A 57 1.73 -12.12 0.84
CA ASP A 57 1.40 -10.96 1.61
C ASP A 57 1.20 -9.71 0.73
N ALA A 58 2.14 -9.45 -0.18
CA ALA A 58 2.02 -8.28 -1.08
C ALA A 58 0.75 -8.39 -1.94
N ARG A 59 0.50 -9.56 -2.48
CA ARG A 59 -0.71 -9.77 -3.27
C ARG A 59 -1.92 -9.69 -2.35
N TYR A 60 -1.70 -9.94 -1.06
CA TYR A 60 -2.78 -9.89 -0.08
C TYR A 60 -3.20 -8.43 0.06
N CYS A 61 -2.18 -7.59 0.12
CA CYS A 61 -2.33 -6.14 0.24
C CYS A 61 -3.20 -5.53 -0.86
N VAL A 62 -2.82 -5.71 -2.14
CA VAL A 62 -3.58 -5.14 -3.24
C VAL A 62 -5.05 -5.55 -3.19
N GLU A 63 -5.32 -6.79 -2.79
CA GLU A 63 -6.69 -7.29 -2.73
C GLU A 63 -7.53 -6.63 -1.62
N LYS A 64 -6.92 -6.37 -0.47
CA LYS A 64 -7.66 -5.83 0.67
C LYS A 64 -8.07 -4.34 0.55
N LEU A 65 -7.13 -3.46 0.26
CA LEU A 65 -7.39 -2.02 0.18
C LEU A 65 -7.96 -1.51 -1.15
N ASN A 66 -7.41 -1.99 -2.25
CA ASN A 66 -7.80 -1.49 -3.58
C ASN A 66 -9.30 -1.52 -3.87
N GLY A 67 -9.86 -0.38 -4.26
CA GLY A 67 -11.25 -0.32 -4.63
C GLY A 67 -12.17 0.05 -3.49
N LEU A 68 -11.73 0.89 -2.58
CA LEU A 68 -12.58 1.29 -1.47
C LEU A 68 -12.81 2.79 -1.52
N LYS A 69 -14.05 3.20 -1.30
CA LYS A 69 -14.39 4.61 -1.30
C LYS A 69 -14.25 5.11 0.13
N ILE A 70 -13.24 5.91 0.36
CA ILE A 70 -12.95 6.42 1.69
C ILE A 70 -13.03 7.93 1.69
N GLU A 71 -14.11 8.46 2.27
CA GLU A 71 -14.33 9.91 2.36
C GLU A 71 -14.54 10.51 0.97
N GLY A 72 -14.88 9.64 0.02
CA GLY A 72 -15.13 10.09 -1.35
C GLY A 72 -14.01 9.77 -2.31
N TYR A 73 -12.98 9.07 -1.83
CA TYR A 73 -11.84 8.73 -2.67
C TYR A 73 -11.66 7.22 -2.84
N THR A 74 -11.46 6.78 -4.08
CA THR A 74 -11.24 5.38 -4.37
C THR A 74 -9.74 5.09 -4.35
N LEU A 75 -9.29 4.13 -3.54
CA LEU A 75 -7.86 3.85 -3.45
C LEU A 75 -7.37 3.06 -4.65
N VAL A 76 -6.13 3.30 -5.00
CA VAL A 76 -5.47 2.60 -6.08
C VAL A 76 -4.31 1.81 -5.49
N THR A 77 -4.67 0.72 -4.83
CA THR A 77 -3.69 -0.18 -4.25
C THR A 77 -3.33 -1.24 -5.29
N LYS A 78 -2.07 -1.25 -5.67
CA LYS A 78 -1.62 -2.15 -6.71
C LYS A 78 -0.24 -2.70 -6.37
N VAL A 79 0.14 -3.84 -6.95
CA VAL A 79 1.46 -4.39 -6.67
C VAL A 79 2.40 -4.04 -7.82
N SER A 80 3.70 -4.08 -7.57
CA SER A 80 4.71 -3.76 -8.58
C SER A 80 4.51 -4.65 -9.79
N ASN A 81 5.10 -4.23 -10.93
CA ASN A 81 5.03 -4.95 -12.21
C ASN A 81 4.84 -6.45 -12.00
N PRO A 82 3.58 -6.94 -12.14
CA PRO A 82 3.25 -8.36 -11.92
C PRO A 82 4.24 -9.29 -12.61
N LEU A 83 4.92 -10.08 -11.79
CA LEU A 83 5.92 -11.00 -12.29
C LEU A 83 5.65 -12.42 -11.78
N GLU A 84 5.47 -12.58 -10.48
CA GLU A 84 5.23 -13.88 -9.90
C GLU A 84 3.76 -14.28 -10.04
N LEU A 85 2.87 -13.45 -9.53
CA LEU A 85 1.45 -13.72 -9.60
C LEU A 85 0.67 -12.41 -9.60
N GLU A 86 -0.16 -12.22 -10.62
CA GLU A 86 -0.96 -11.01 -10.76
C GLU A 86 -2.21 -11.10 -9.91
N MET A 1 8.97 -13.63 -5.29
CA MET A 1 9.96 -13.08 -4.34
C MET A 1 10.79 -11.96 -4.98
N THR A 2 10.17 -11.22 -5.91
CA THR A 2 10.87 -10.11 -6.58
C THR A 2 9.97 -8.87 -6.63
N GLU A 3 8.67 -9.09 -6.86
CA GLU A 3 7.68 -8.01 -6.89
C GLU A 3 7.70 -7.23 -5.57
N CYS A 4 7.13 -7.83 -4.52
CA CYS A 4 7.12 -7.31 -3.13
C CYS A 4 6.59 -5.88 -2.87
N THR A 5 6.80 -4.94 -3.75
CA THR A 5 6.42 -3.58 -3.47
C THR A 5 5.10 -3.16 -4.11
N LEU A 6 4.18 -2.74 -3.26
CA LEU A 6 2.87 -2.23 -3.67
C LEU A 6 2.86 -0.71 -3.83
N TRP A 7 1.90 -0.21 -4.60
CA TRP A 7 1.72 1.21 -4.76
C TRP A 7 0.27 1.55 -4.39
N MET A 8 0.12 2.42 -3.42
CA MET A 8 -1.17 2.85 -2.91
C MET A 8 -1.33 4.32 -3.28
N THR A 9 -2.48 4.69 -3.85
CA THR A 9 -2.64 6.06 -4.37
C THR A 9 -3.98 6.63 -3.99
N ASN A 10 -4.03 7.97 -3.84
CA ASN A 10 -5.26 8.69 -3.49
C ASN A 10 -5.97 8.04 -2.33
N PHE A 11 -5.93 8.71 -1.21
CA PHE A 11 -6.49 8.21 -0.01
C PHE A 11 -6.11 9.22 1.06
N PRO A 12 -7.10 9.82 1.75
CA PRO A 12 -6.83 10.75 2.84
C PRO A 12 -6.03 9.98 3.85
N PRO A 13 -5.43 10.61 4.83
CA PRO A 13 -4.65 9.84 5.73
C PRO A 13 -5.47 9.07 6.76
N SER A 14 -6.46 8.30 6.30
CA SER A 14 -7.15 7.46 7.26
C SER A 14 -6.09 6.43 7.60
N TYR A 15 -5.27 6.15 6.59
CA TYR A 15 -4.09 5.32 6.78
C TYR A 15 -2.87 6.22 6.94
N THR A 16 -1.76 5.64 7.31
CA THR A 16 -0.51 6.36 7.50
C THR A 16 0.60 5.33 7.46
N GLN A 17 1.85 5.69 7.70
CA GLN A 17 2.93 4.71 7.58
C GLN A 17 2.72 3.55 8.54
N ARG A 18 2.51 3.87 9.80
CA ARG A 18 2.27 2.86 10.82
C ARG A 18 1.02 2.03 10.57
N ASN A 19 -0.10 2.68 10.24
CA ASN A 19 -1.38 1.98 10.07
C ASN A 19 -1.37 1.18 8.78
N ILE A 20 -0.74 1.75 7.77
CA ILE A 20 -0.60 1.09 6.49
C ILE A 20 0.27 -0.12 6.72
N ARG A 21 1.20 0.00 7.67
CA ARG A 21 2.11 -1.06 8.02
C ARG A 21 1.43 -2.09 8.92
N ASP A 22 0.57 -1.62 9.79
CA ASP A 22 -0.17 -2.50 10.69
C ASP A 22 -1.16 -3.29 9.87
N LEU A 23 -1.85 -2.58 9.00
CA LEU A 23 -2.77 -3.20 8.06
C LEU A 23 -2.01 -4.16 7.18
N LEU A 24 -0.85 -3.71 6.75
CA LEU A 24 -0.04 -4.51 5.87
C LEU A 24 0.63 -5.65 6.58
N GLN A 25 1.09 -5.46 7.77
CA GLN A 25 1.73 -6.54 8.48
C GLN A 25 0.74 -7.54 9.14
N ASP A 26 -0.49 -7.13 9.46
CA ASP A 26 -1.40 -8.05 10.15
C ASP A 26 -2.40 -8.52 9.15
N ILE A 27 -2.99 -7.60 8.42
CA ILE A 27 -3.87 -8.02 7.40
C ILE A 27 -3.01 -8.67 6.31
N ASN A 28 -1.77 -8.15 6.13
CA ASN A 28 -0.93 -8.70 5.07
C ASN A 28 0.45 -9.30 5.40
N VAL A 29 0.85 -9.29 6.64
CA VAL A 29 2.17 -9.81 7.07
C VAL A 29 3.31 -8.78 6.81
N VAL A 30 3.84 -8.19 7.89
CA VAL A 30 4.94 -7.18 7.94
C VAL A 30 5.29 -6.41 6.65
N ALA A 31 5.09 -5.08 6.70
CA ALA A 31 5.49 -4.23 5.60
C ALA A 31 6.91 -3.81 5.92
N LEU A 32 7.86 -4.21 5.08
CA LEU A 32 9.28 -3.94 5.34
C LEU A 32 9.59 -2.46 5.30
N SER A 33 9.16 -1.80 4.25
CA SER A 33 9.40 -0.39 4.12
C SER A 33 8.28 0.27 3.33
N ILE A 34 7.59 1.17 3.98
CA ILE A 34 6.52 1.89 3.35
C ILE A 34 7.03 3.32 3.10
N ARG A 35 7.09 3.68 1.84
CA ARG A 35 7.58 4.98 1.45
C ARG A 35 6.50 5.75 0.77
N LEU A 36 6.06 6.81 1.40
CA LEU A 36 5.07 7.65 0.80
C LEU A 36 5.79 8.86 0.25
N PRO A 37 6.00 8.89 -1.06
CA PRO A 37 6.68 9.99 -1.68
C PRO A 37 5.80 11.23 -1.60
N SER A 38 6.21 12.09 -0.63
CA SER A 38 5.47 13.29 -0.15
C SER A 38 5.03 13.15 1.34
N LEU A 39 4.46 14.24 1.93
CA LEU A 39 3.94 14.29 3.33
C LEU A 39 4.90 14.98 4.33
N ARG A 40 6.09 15.27 3.89
CA ARG A 40 7.09 15.98 4.71
C ARG A 40 6.74 17.46 4.67
N PHE A 41 6.32 17.86 3.49
CA PHE A 41 5.88 19.22 3.18
C PHE A 41 4.58 19.16 2.41
N ASN A 42 4.65 18.43 1.31
CA ASN A 42 3.52 18.27 0.42
C ASN A 42 2.44 17.40 1.06
N THR A 43 1.38 18.03 1.50
CA THR A 43 0.27 17.31 2.12
C THR A 43 -0.80 16.97 1.07
N SER A 44 -0.32 16.60 -0.13
CA SER A 44 -1.21 16.24 -1.23
C SER A 44 -0.90 14.84 -1.77
N ARG A 45 0.33 14.65 -2.25
CA ARG A 45 0.82 13.36 -2.81
C ARG A 45 0.89 12.25 -1.74
N ARG A 46 -0.22 12.01 -1.06
CA ARG A 46 -0.32 10.97 -0.02
C ARG A 46 0.00 9.58 -0.54
N PHE A 47 -0.04 9.39 -1.86
CA PHE A 47 0.30 8.13 -2.50
C PHE A 47 1.56 7.51 -1.88
N ALA A 48 1.59 6.18 -1.80
CA ALA A 48 2.70 5.48 -1.16
C ALA A 48 3.13 4.22 -1.87
N TYR A 49 4.28 3.74 -1.43
CA TYR A 49 4.87 2.50 -1.88
C TYR A 49 5.03 1.67 -0.63
N ILE A 50 4.66 0.44 -0.66
CA ILE A 50 4.84 -0.37 0.52
C ILE A 50 5.57 -1.64 0.14
N ASP A 51 6.39 -2.14 1.03
CA ASP A 51 7.15 -3.32 0.74
C ASP A 51 6.66 -4.42 1.64
N VAL A 52 6.52 -5.59 1.08
CA VAL A 52 6.04 -6.70 1.85
C VAL A 52 7.08 -7.81 1.82
N THR A 53 6.84 -8.91 2.50
CA THR A 53 7.84 -9.98 2.59
C THR A 53 8.05 -10.81 1.31
N SER A 54 7.19 -10.71 0.31
CA SER A 54 7.39 -11.49 -0.90
C SER A 54 6.39 -11.17 -1.97
N LYS A 55 5.11 -11.47 -1.72
CA LYS A 55 4.07 -11.22 -2.72
C LYS A 55 2.69 -11.74 -2.30
N GLU A 56 2.62 -12.88 -1.59
CA GLU A 56 1.33 -13.41 -1.12
C GLU A 56 0.67 -12.28 -0.33
N ASP A 57 1.51 -11.69 0.50
CA ASP A 57 1.21 -10.54 1.33
C ASP A 57 0.92 -9.31 0.48
N ALA A 58 1.85 -8.99 -0.42
CA ALA A 58 1.69 -7.84 -1.30
C ALA A 58 0.40 -7.96 -2.13
N ARG A 59 0.11 -9.17 -2.58
CA ARG A 59 -1.10 -9.42 -3.36
C ARG A 59 -2.33 -9.28 -2.46
N TYR A 60 -2.13 -9.44 -1.16
CA TYR A 60 -3.23 -9.36 -0.21
C TYR A 60 -3.67 -7.90 -0.11
N CYS A 61 -2.69 -7.01 0.01
CA CYS A 61 -2.95 -5.58 0.12
C CYS A 61 -3.73 -5.00 -1.07
N VAL A 62 -3.24 -5.17 -2.31
CA VAL A 62 -3.93 -4.66 -3.50
C VAL A 62 -5.39 -5.10 -3.54
N GLU A 63 -5.65 -6.34 -3.14
CA GLU A 63 -7.02 -6.87 -3.17
C GLU A 63 -7.91 -6.26 -2.07
N LYS A 64 -7.36 -6.07 -0.88
CA LYS A 64 -8.13 -5.58 0.27
C LYS A 64 -8.60 -4.13 0.18
N LEU A 65 -7.71 -3.20 -0.16
CA LEU A 65 -8.06 -1.77 -0.14
C LEU A 65 -8.44 -1.14 -1.49
N ASN A 66 -8.01 -1.68 -2.61
CA ASN A 66 -8.30 -1.04 -3.89
C ASN A 66 -9.79 -1.00 -4.20
N GLY A 67 -10.29 0.19 -4.55
CA GLY A 67 -11.67 0.35 -4.87
C GLY A 67 -12.48 0.80 -3.67
N LEU A 68 -11.80 1.21 -2.62
CA LEU A 68 -12.49 1.65 -1.42
C LEU A 68 -12.75 3.14 -1.48
N LYS A 69 -14.02 3.51 -1.38
CA LYS A 69 -14.40 4.91 -1.40
C LYS A 69 -14.29 5.43 0.01
N ILE A 70 -13.17 6.04 0.28
CA ILE A 70 -12.85 6.54 1.58
C ILE A 70 -13.09 8.05 1.62
N GLU A 71 -14.06 8.48 2.42
CA GLU A 71 -14.40 9.90 2.56
C GLU A 71 -14.70 10.56 1.20
N GLY A 72 -14.98 9.72 0.19
CA GLY A 72 -15.29 10.24 -1.14
C GLY A 72 -14.16 10.01 -2.15
N TYR A 73 -13.08 9.41 -1.69
CA TYR A 73 -11.91 9.14 -2.53
C TYR A 73 -11.74 7.65 -2.73
N THR A 74 -11.53 7.21 -3.94
CA THR A 74 -11.37 5.78 -4.19
C THR A 74 -9.89 5.41 -4.10
N LEU A 75 -9.55 4.47 -3.22
CA LEU A 75 -8.17 4.05 -3.08
C LEU A 75 -7.74 3.23 -4.27
N VAL A 76 -6.56 3.57 -4.78
CA VAL A 76 -5.98 2.85 -5.91
C VAL A 76 -4.80 2.06 -5.39
N THR A 77 -5.11 0.90 -4.83
CA THR A 77 -4.11 0.01 -4.32
C THR A 77 -3.73 -1.00 -5.40
N LYS A 78 -2.47 -1.04 -5.72
CA LYS A 78 -1.98 -1.90 -6.76
C LYS A 78 -0.65 -2.51 -6.34
N VAL A 79 -0.29 -3.66 -6.88
CA VAL A 79 0.97 -4.27 -6.53
C VAL A 79 1.96 -4.14 -7.69
N SER A 80 3.23 -4.41 -7.43
CA SER A 80 4.27 -4.31 -8.46
C SER A 80 4.00 -5.32 -9.58
N ASN A 81 4.76 -5.21 -10.67
CA ASN A 81 4.60 -6.09 -11.81
C ASN A 81 4.94 -7.53 -11.44
N PRO A 82 3.93 -8.42 -11.54
CA PRO A 82 4.08 -9.84 -11.23
C PRO A 82 5.25 -10.52 -11.94
N LEU A 83 5.95 -11.37 -11.22
CA LEU A 83 7.07 -12.11 -11.78
C LEU A 83 6.93 -13.58 -11.46
N GLU A 84 6.54 -13.88 -10.23
CA GLU A 84 6.35 -15.27 -9.82
C GLU A 84 4.88 -15.57 -9.55
N LEU A 85 4.17 -14.60 -9.00
CA LEU A 85 2.74 -14.76 -8.71
C LEU A 85 1.99 -13.47 -9.04
N GLU A 86 1.00 -13.56 -9.93
CA GLU A 86 0.20 -12.40 -10.32
C GLU A 86 -0.78 -12.03 -9.23
N MET A 1 11.81 -13.09 -2.93
CA MET A 1 10.96 -11.99 -3.43
C MET A 1 11.32 -11.65 -4.87
N THR A 2 10.33 -11.33 -5.68
CA THR A 2 10.56 -11.01 -7.08
C THR A 2 9.85 -9.70 -7.48
N GLU A 3 9.09 -9.14 -6.54
CA GLU A 3 8.36 -7.89 -6.77
C GLU A 3 8.02 -7.21 -5.44
N CYS A 4 7.22 -7.85 -4.55
CA CYS A 4 6.86 -7.36 -3.19
C CYS A 4 6.51 -5.87 -2.96
N THR A 5 6.71 -4.97 -3.90
CA THR A 5 6.43 -3.57 -3.60
C THR A 5 5.12 -3.08 -4.19
N LEU A 6 4.21 -2.79 -3.29
CA LEU A 6 2.91 -2.25 -3.65
C LEU A 6 2.91 -0.72 -3.69
N TRP A 7 1.94 -0.16 -4.41
CA TRP A 7 1.76 1.28 -4.52
C TRP A 7 0.35 1.65 -4.07
N MET A 8 0.26 2.65 -3.20
CA MET A 8 -1.03 3.16 -2.71
C MET A 8 -1.18 4.58 -3.20
N THR A 9 -2.36 4.95 -3.72
CA THR A 9 -2.53 6.28 -4.29
C THR A 9 -3.93 6.83 -4.00
N ASN A 10 -4.07 8.17 -4.06
CA ASN A 10 -5.34 8.89 -3.81
C ASN A 10 -6.06 8.32 -2.60
N PHE A 11 -6.07 9.09 -1.53
CA PHE A 11 -6.64 8.65 -0.29
C PHE A 11 -6.32 9.67 0.79
N PRO A 12 -7.29 10.00 1.66
CA PRO A 12 -7.04 10.87 2.78
C PRO A 12 -6.14 10.07 3.67
N PRO A 13 -5.40 10.64 4.56
CA PRO A 13 -4.52 9.84 5.36
C PRO A 13 -5.23 9.01 6.43
N SER A 14 -6.20 8.19 6.02
CA SER A 14 -6.81 7.30 6.98
C SER A 14 -5.69 6.28 7.24
N TYR A 15 -4.93 6.04 6.17
CA TYR A 15 -3.74 5.22 6.25
C TYR A 15 -2.51 6.09 6.41
N THR A 16 -1.56 5.60 7.14
CA THR A 16 -0.32 6.30 7.37
C THR A 16 0.77 5.23 7.45
N GLN A 17 2.00 5.59 7.75
CA GLN A 17 3.09 4.61 7.71
C GLN A 17 2.86 3.45 8.69
N ARG A 18 2.66 3.77 9.95
CA ARG A 18 2.43 2.74 10.96
C ARG A 18 1.11 2.00 10.77
N ASN A 19 0.03 2.75 10.54
CA ASN A 19 -1.32 2.18 10.48
C ASN A 19 -1.44 1.25 9.29
N ILE A 20 -0.80 1.65 8.20
CA ILE A 20 -0.77 0.86 6.99
C ILE A 20 0.02 -0.42 7.27
N ARG A 21 1.08 -0.28 8.06
CA ARG A 21 1.96 -1.39 8.40
C ARG A 21 1.28 -2.36 9.33
N ASP A 22 0.48 -1.81 10.22
CA ASP A 22 -0.28 -2.59 11.18
C ASP A 22 -1.35 -3.34 10.41
N LEU A 23 -2.07 -2.57 9.60
CA LEU A 23 -3.10 -3.12 8.72
C LEU A 23 -2.48 -4.20 7.88
N LEU A 24 -1.37 -3.84 7.28
CA LEU A 24 -0.69 -4.68 6.35
C LEU A 24 -0.01 -5.84 6.99
N GLN A 25 0.52 -5.74 8.16
CA GLN A 25 1.12 -6.94 8.68
C GLN A 25 0.07 -7.90 9.27
N ASP A 26 -1.03 -7.37 9.81
CA ASP A 26 -2.08 -8.23 10.36
C ASP A 26 -2.80 -8.80 9.17
N ILE A 27 -2.84 -8.00 8.12
CA ILE A 27 -3.41 -8.43 6.89
C ILE A 27 -2.40 -9.31 6.13
N ASN A 28 -1.14 -8.84 6.02
CA ASN A 28 -0.15 -9.57 5.23
C ASN A 28 1.18 -10.03 5.84
N VAL A 29 1.19 -10.43 7.08
CA VAL A 29 2.41 -10.96 7.71
C VAL A 29 3.64 -10.00 7.63
N VAL A 30 3.43 -8.74 8.00
CA VAL A 30 4.48 -7.70 8.09
C VAL A 30 4.83 -7.00 6.79
N ALA A 31 4.62 -5.66 6.76
CA ALA A 31 5.04 -4.93 5.64
C ALA A 31 6.48 -4.58 5.99
N LEU A 32 7.44 -5.13 5.26
CA LEU A 32 8.86 -4.91 5.58
C LEU A 32 9.16 -3.45 5.80
N SER A 33 8.70 -2.63 4.88
CA SER A 33 8.91 -1.21 4.96
C SER A 33 7.86 -0.48 4.16
N ILE A 34 7.42 0.65 4.64
CA ILE A 34 6.45 1.45 3.92
C ILE A 34 7.04 2.83 3.77
N ARG A 35 7.12 3.27 2.55
CA ARG A 35 7.69 4.56 2.25
C ARG A 35 6.60 5.48 1.78
N LEU A 36 6.31 6.46 2.59
CA LEU A 36 5.35 7.47 2.20
C LEU A 36 6.23 8.60 1.70
N PRO A 37 6.50 8.60 0.39
CA PRO A 37 7.43 9.56 -0.21
C PRO A 37 6.84 10.98 -0.26
N SER A 38 5.55 11.04 -0.50
CA SER A 38 4.82 12.29 -0.61
C SER A 38 4.20 12.71 0.72
N LEU A 39 3.64 13.93 0.73
CA LEU A 39 2.99 14.54 1.89
C LEU A 39 4.05 15.24 2.74
N ARG A 40 5.14 15.52 2.06
CA ARG A 40 6.30 16.21 2.62
C ARG A 40 6.28 17.67 2.21
N PHE A 41 6.25 17.89 0.90
CA PHE A 41 6.23 19.22 0.32
C PHE A 41 4.94 19.97 0.63
N ASN A 42 3.81 19.28 0.58
CA ASN A 42 2.51 19.89 0.84
C ASN A 42 1.48 18.80 1.13
N THR A 43 0.30 19.21 1.56
CA THR A 43 -0.78 18.29 1.87
C THR A 43 -1.53 17.87 0.60
N SER A 44 -0.79 17.31 -0.36
CA SER A 44 -1.38 16.88 -1.63
C SER A 44 -0.54 15.79 -2.31
N ARG A 45 -1.24 14.83 -2.93
CA ARG A 45 -0.63 13.71 -3.68
C ARG A 45 0.01 12.71 -2.71
N ARG A 46 -0.74 12.38 -1.67
CA ARG A 46 -0.29 11.50 -0.56
C ARG A 46 0.10 10.04 -0.90
N PHE A 47 0.25 9.67 -2.17
CA PHE A 47 0.64 8.28 -2.54
C PHE A 47 1.82 7.69 -1.72
N ALA A 48 1.88 6.34 -1.66
CA ALA A 48 2.91 5.62 -0.89
C ALA A 48 3.44 4.38 -1.63
N TYR A 49 4.45 3.74 -1.01
CA TYR A 49 5.05 2.54 -1.51
C TYR A 49 5.07 1.63 -0.30
N ILE A 50 4.58 0.42 -0.44
CA ILE A 50 4.55 -0.50 0.69
C ILE A 50 5.35 -1.73 0.34
N ASP A 51 6.17 -2.23 1.23
CA ASP A 51 7.00 -3.37 0.92
C ASP A 51 6.55 -4.52 1.75
N VAL A 52 6.52 -5.69 1.15
CA VAL A 52 6.09 -6.86 1.87
C VAL A 52 7.14 -7.95 1.77
N THR A 53 7.02 -8.95 2.64
CA THR A 53 7.99 -10.03 2.68
C THR A 53 8.22 -10.71 1.31
N SER A 54 7.25 -10.80 0.38
CA SER A 54 7.59 -11.43 -0.92
C SER A 54 6.61 -11.19 -2.07
N LYS A 55 5.36 -11.65 -1.95
CA LYS A 55 4.37 -11.48 -3.00
C LYS A 55 3.04 -12.05 -2.56
N GLU A 56 3.05 -13.25 -1.97
CA GLU A 56 1.79 -13.82 -1.45
C GLU A 56 1.13 -12.75 -0.58
N ASP A 57 1.92 -12.23 0.34
CA ASP A 57 1.50 -11.19 1.26
C ASP A 57 1.26 -9.86 0.53
N ALA A 58 2.15 -9.48 -0.38
CA ALA A 58 1.94 -8.25 -1.16
C ALA A 58 0.68 -8.39 -2.02
N ARG A 59 0.40 -9.60 -2.44
CA ARG A 59 -0.81 -9.92 -3.19
C ARG A 59 -2.01 -9.71 -2.28
N TYR A 60 -1.77 -9.86 -0.98
CA TYR A 60 -2.83 -9.73 0.02
C TYR A 60 -3.27 -8.27 0.11
N CYS A 61 -2.29 -7.38 0.19
CA CYS A 61 -2.56 -5.95 0.30
C CYS A 61 -3.39 -5.39 -0.85
N VAL A 62 -2.91 -5.53 -2.12
CA VAL A 62 -3.64 -5.02 -3.26
C VAL A 62 -5.09 -5.47 -3.24
N GLU A 63 -5.31 -6.70 -2.84
CA GLU A 63 -6.64 -7.27 -2.79
C GLU A 63 -7.53 -6.57 -1.74
N LYS A 64 -6.97 -6.29 -0.56
CA LYS A 64 -7.76 -5.68 0.56
C LYS A 64 -8.13 -4.19 0.40
N LEU A 65 -7.15 -3.32 0.15
CA LEU A 65 -7.40 -1.87 0.09
C LEU A 65 -7.86 -1.29 -1.25
N ASN A 66 -7.53 -1.92 -2.36
CA ASN A 66 -7.89 -1.36 -3.67
C ASN A 66 -9.41 -1.24 -3.88
N GLY A 67 -9.85 -0.06 -4.33
CA GLY A 67 -11.26 0.14 -4.63
C GLY A 67 -12.04 0.69 -3.45
N LEU A 68 -11.35 1.19 -2.44
CA LEU A 68 -12.03 1.72 -1.27
C LEU A 68 -12.35 3.20 -1.46
N LYS A 69 -13.64 3.53 -1.36
CA LYS A 69 -14.07 4.89 -1.47
C LYS A 69 -13.96 5.47 -0.08
N ILE A 70 -12.99 6.33 0.03
CA ILE A 70 -12.58 6.87 1.29
C ILE A 70 -12.82 8.39 1.34
N GLU A 71 -13.89 8.77 2.02
CA GLU A 71 -14.25 10.18 2.18
C GLU A 71 -14.48 10.86 0.81
N GLY A 72 -14.71 10.04 -0.22
CA GLY A 72 -14.95 10.57 -1.56
C GLY A 72 -13.85 10.25 -2.56
N TYR A 73 -12.83 9.51 -2.13
CA TYR A 73 -11.71 9.17 -3.01
C TYR A 73 -11.52 7.66 -3.09
N THR A 74 -11.22 7.14 -4.25
CA THR A 74 -11.01 5.70 -4.38
C THR A 74 -9.52 5.33 -4.26
N LEU A 75 -9.16 4.45 -3.32
CA LEU A 75 -7.76 4.04 -3.17
C LEU A 75 -7.29 3.24 -4.39
N VAL A 76 -6.05 3.51 -4.79
CA VAL A 76 -5.42 2.79 -5.88
C VAL A 76 -4.28 1.96 -5.31
N THR A 77 -4.63 0.84 -4.71
CA THR A 77 -3.65 -0.06 -4.15
C THR A 77 -3.32 -1.13 -5.18
N LYS A 78 -2.07 -1.19 -5.56
CA LYS A 78 -1.63 -2.12 -6.59
C LYS A 78 -0.27 -2.69 -6.23
N VAL A 79 0.07 -3.86 -6.77
CA VAL A 79 1.36 -4.46 -6.47
C VAL A 79 2.35 -4.17 -7.60
N SER A 80 3.64 -4.35 -7.34
CA SER A 80 4.69 -4.10 -8.34
C SER A 80 4.49 -4.96 -9.58
N ASN A 81 5.27 -4.64 -10.62
CA ASN A 81 5.25 -5.35 -11.90
C ASN A 81 5.08 -6.84 -11.68
N PRO A 82 3.99 -7.43 -12.21
CA PRO A 82 3.69 -8.84 -12.00
C PRO A 82 4.67 -9.79 -12.68
N LEU A 83 5.25 -10.65 -11.87
CA LEU A 83 6.18 -11.67 -12.31
C LEU A 83 5.64 -13.02 -11.83
N GLU A 84 5.10 -12.99 -10.63
CA GLU A 84 4.52 -14.19 -10.02
C GLU A 84 3.01 -14.20 -10.22
N LEU A 85 2.35 -13.11 -9.81
CA LEU A 85 0.88 -12.99 -9.88
C LEU A 85 0.51 -11.53 -9.61
N GLU A 86 -0.80 -11.27 -9.50
CA GLU A 86 -1.30 -9.94 -9.19
C GLU A 86 -2.80 -10.02 -8.94
N MET A 1 9.91 -15.41 -5.61
CA MET A 1 9.48 -14.37 -4.63
C MET A 1 10.43 -13.18 -4.71
N THR A 2 9.96 -12.04 -5.24
CA THR A 2 10.84 -10.86 -5.39
C THR A 2 10.13 -9.52 -5.65
N GLU A 3 8.84 -9.46 -6.05
CA GLU A 3 8.27 -8.13 -6.35
C GLU A 3 7.79 -7.41 -5.09
N CYS A 4 6.96 -8.07 -4.28
CA CYS A 4 6.44 -7.56 -3.00
C CYS A 4 6.23 -6.03 -2.81
N THR A 5 6.26 -5.20 -3.84
CA THR A 5 6.11 -3.78 -3.61
C THR A 5 4.86 -3.21 -4.24
N LEU A 6 4.01 -2.76 -3.37
CA LEU A 6 2.74 -2.15 -3.73
C LEU A 6 2.81 -0.62 -3.84
N TRP A 7 1.89 -0.08 -4.63
CA TRP A 7 1.71 1.35 -4.79
C TRP A 7 0.25 1.67 -4.50
N MET A 8 0.02 2.76 -3.80
CA MET A 8 -1.33 3.16 -3.46
C MET A 8 -1.57 4.56 -3.98
N THR A 9 -2.74 4.81 -4.53
CA THR A 9 -3.03 6.11 -5.09
C THR A 9 -4.45 6.51 -4.75
N ASN A 10 -4.70 7.83 -4.71
CA ASN A 10 -6.00 8.40 -4.33
C ASN A 10 -6.52 7.75 -3.05
N PHE A 11 -6.49 8.52 -1.96
CA PHE A 11 -6.89 8.03 -0.66
C PHE A 11 -6.52 9.04 0.41
N PRO A 12 -7.44 9.33 1.35
CA PRO A 12 -7.17 10.25 2.45
C PRO A 12 -5.97 9.72 3.22
N PRO A 13 -5.17 10.58 3.85
CA PRO A 13 -3.97 10.12 4.52
C PRO A 13 -4.22 9.24 5.76
N SER A 14 -5.46 8.80 5.95
CA SER A 14 -5.78 7.85 7.01
C SER A 14 -4.69 6.78 7.01
N TYR A 15 -4.29 6.41 5.80
CA TYR A 15 -3.18 5.49 5.62
C TYR A 15 -1.91 6.31 5.60
N THR A 16 -1.08 6.09 6.57
CA THR A 16 0.16 6.83 6.66
C THR A 16 1.27 5.81 6.72
N GLN A 17 2.37 6.06 7.38
CA GLN A 17 3.43 5.09 7.36
C GLN A 17 3.19 3.97 8.36
N ARG A 18 2.79 4.33 9.57
CA ARG A 18 2.51 3.34 10.59
C ARG A 18 1.23 2.54 10.38
N ASN A 19 0.13 3.21 10.04
CA ASN A 19 -1.15 2.52 9.92
C ASN A 19 -1.16 1.61 8.70
N ILE A 20 -0.51 2.08 7.64
CA ILE A 20 -0.39 1.30 6.43
C ILE A 20 0.47 0.07 6.75
N ARG A 21 1.42 0.25 7.67
CA ARG A 21 2.32 -0.80 8.09
C ARG A 21 1.61 -1.74 9.05
N ASP A 22 0.73 -1.18 9.84
CA ASP A 22 -0.07 -1.94 10.80
C ASP A 22 -1.07 -2.76 10.01
N LEU A 23 -1.73 -2.11 9.08
CA LEU A 23 -2.67 -2.77 8.19
C LEU A 23 -1.95 -3.83 7.38
N LEU A 24 -0.77 -3.48 6.94
CA LEU A 24 0.02 -4.37 6.13
C LEU A 24 0.65 -5.50 6.90
N GLN A 25 1.17 -5.24 8.05
CA GLN A 25 1.78 -6.28 8.83
C GLN A 25 0.76 -7.19 9.55
N ASP A 26 -0.45 -6.71 9.81
CA ASP A 26 -1.41 -7.51 10.58
C ASP A 26 -2.46 -8.00 9.66
N ILE A 27 -3.04 -7.12 8.89
CA ILE A 27 -3.98 -7.57 7.94
C ILE A 27 -3.19 -8.35 6.87
N ASN A 28 -1.94 -7.90 6.58
CA ASN A 28 -1.18 -8.60 5.58
C ASN A 28 0.17 -9.22 5.96
N VAL A 29 0.60 -9.12 7.20
CA VAL A 29 1.91 -9.63 7.62
C VAL A 29 3.03 -8.65 7.20
N VAL A 30 3.72 -8.09 8.20
CA VAL A 30 4.82 -7.09 8.13
C VAL A 30 5.17 -6.46 6.79
N ALA A 31 5.01 -5.12 6.68
CA ALA A 31 5.42 -4.45 5.51
C ALA A 31 6.90 -4.16 5.76
N LEU A 32 7.80 -4.73 4.96
CA LEU A 32 9.23 -4.55 5.18
C LEU A 32 9.60 -3.09 5.15
N SER A 33 8.94 -2.35 4.28
CA SER A 33 9.16 -0.94 4.16
C SER A 33 7.92 -0.28 3.62
N ILE A 34 7.89 1.04 3.69
CA ILE A 34 6.79 1.83 3.22
C ILE A 34 7.40 3.16 2.89
N ARG A 35 7.38 3.50 1.63
CA ARG A 35 7.96 4.74 1.23
C ARG A 35 6.93 5.79 1.05
N LEU A 36 6.95 6.76 1.92
CA LEU A 36 6.12 7.88 1.71
C LEU A 36 6.98 8.67 0.74
N PRO A 37 6.67 8.66 -0.55
CA PRO A 37 7.48 9.33 -1.53
C PRO A 37 7.09 10.80 -1.47
N SER A 38 7.27 11.27 -0.22
CA SER A 38 6.94 12.57 0.28
C SER A 38 5.43 12.74 0.33
N LEU A 39 5.07 13.75 1.13
CA LEU A 39 3.68 13.98 1.53
C LEU A 39 3.70 14.77 2.85
N ARG A 40 3.59 14.11 4.01
CA ARG A 40 3.51 14.84 5.30
C ARG A 40 4.56 15.96 5.55
N PHE A 41 5.59 16.10 4.71
CA PHE A 41 6.57 17.19 4.88
C PHE A 41 5.90 18.48 4.36
N ASN A 42 5.03 18.26 3.39
CA ASN A 42 4.20 19.25 2.71
C ASN A 42 2.99 18.43 2.29
N THR A 43 1.95 18.45 3.10
CA THR A 43 0.80 17.55 2.96
C THR A 43 0.02 17.64 1.63
N SER A 44 0.61 17.19 0.52
CA SER A 44 -0.07 17.25 -0.77
C SER A 44 0.32 16.10 -1.73
N ARG A 45 0.50 14.88 -1.21
CA ARG A 45 0.82 13.73 -2.08
C ARG A 45 0.52 12.39 -1.40
N ARG A 46 -0.77 12.07 -1.34
CA ARG A 46 -1.26 10.82 -0.75
C ARG A 46 -0.49 9.56 -1.16
N PHE A 47 -0.38 9.35 -2.47
CA PHE A 47 0.25 8.15 -3.03
C PHE A 47 1.53 7.71 -2.30
N ALA A 48 1.64 6.38 -2.16
CA ALA A 48 2.75 5.76 -1.43
C ALA A 48 3.25 4.47 -2.08
N TYR A 49 4.32 3.91 -1.49
CA TYR A 49 4.90 2.65 -1.90
C TYR A 49 4.98 1.82 -0.65
N ILE A 50 4.56 0.58 -0.68
CA ILE A 50 4.70 -0.25 0.50
C ILE A 50 5.41 -1.52 0.11
N ASP A 51 6.29 -2.01 0.95
CA ASP A 51 7.05 -3.19 0.61
C ASP A 51 6.65 -4.29 1.54
N VAL A 52 6.51 -5.48 1.02
CA VAL A 52 6.08 -6.58 1.83
C VAL A 52 7.13 -7.68 1.81
N THR A 53 7.05 -8.61 2.75
CA THR A 53 8.07 -9.65 2.90
C THR A 53 8.16 -10.62 1.71
N SER A 54 7.07 -10.94 1.04
CA SER A 54 7.18 -11.87 -0.05
C SER A 54 6.13 -11.67 -1.13
N LYS A 55 4.85 -11.87 -0.79
CA LYS A 55 3.78 -11.68 -1.76
C LYS A 55 2.43 -12.11 -1.25
N GLU A 56 2.36 -13.17 -0.45
CA GLU A 56 1.08 -13.60 0.12
C GLU A 56 0.46 -12.40 0.80
N ASP A 57 1.35 -11.70 1.42
CA ASP A 57 1.12 -10.48 2.13
C ASP A 57 0.81 -9.30 1.19
N ALA A 58 1.68 -9.07 0.19
CA ALA A 58 1.48 -7.96 -0.75
C ALA A 58 0.23 -8.17 -1.59
N ARG A 59 0.06 -9.36 -2.13
CA ARG A 59 -1.16 -9.68 -2.88
C ARG A 59 -2.37 -9.58 -1.95
N TYR A 60 -2.12 -9.73 -0.65
CA TYR A 60 -3.18 -9.60 0.36
C TYR A 60 -3.54 -8.11 0.42
N CYS A 61 -2.50 -7.29 0.38
CA CYS A 61 -2.61 -5.84 0.41
C CYS A 61 -3.52 -5.29 -0.71
N VAL A 62 -3.21 -5.57 -2.00
CA VAL A 62 -4.04 -5.07 -3.09
C VAL A 62 -5.51 -5.53 -2.91
N GLU A 63 -5.69 -6.75 -2.44
CA GLU A 63 -7.02 -7.29 -2.24
C GLU A 63 -7.82 -6.49 -1.22
N LYS A 64 -7.19 -6.20 -0.08
CA LYS A 64 -7.87 -5.50 1.01
C LYS A 64 -8.30 -4.07 0.70
N LEU A 65 -7.50 -3.28 -0.02
CA LEU A 65 -7.87 -1.88 -0.25
C LEU A 65 -8.14 -1.48 -1.69
N ASN A 66 -7.97 -2.34 -2.66
CA ASN A 66 -8.22 -1.91 -4.04
C ASN A 66 -9.71 -1.77 -4.32
N GLY A 67 -10.11 -0.62 -4.87
CA GLY A 67 -11.51 -0.40 -5.18
C GLY A 67 -12.30 0.01 -3.95
N LEU A 68 -11.59 0.58 -2.98
CA LEU A 68 -12.22 1.00 -1.73
C LEU A 68 -12.62 2.46 -1.80
N LYS A 69 -13.88 2.74 -1.49
CA LYS A 69 -14.39 4.09 -1.49
C LYS A 69 -14.23 4.64 -0.10
N ILE A 70 -13.33 5.58 0.03
CA ILE A 70 -13.04 6.17 1.33
C ILE A 70 -13.26 7.68 1.26
N GLU A 71 -14.36 8.14 1.85
CA GLU A 71 -14.74 9.55 1.87
C GLU A 71 -15.23 9.97 0.48
N GLY A 72 -15.37 8.99 -0.40
CA GLY A 72 -15.84 9.25 -1.75
C GLY A 72 -14.77 9.03 -2.80
N TYR A 73 -13.58 8.63 -2.38
CA TYR A 73 -12.48 8.39 -3.30
C TYR A 73 -12.20 6.89 -3.39
N THR A 74 -11.95 6.41 -4.61
CA THR A 74 -11.65 5.00 -4.82
C THR A 74 -10.14 4.78 -4.71
N LEU A 75 -9.74 3.88 -3.81
CA LEU A 75 -8.33 3.60 -3.61
C LEU A 75 -7.78 2.71 -4.71
N VAL A 76 -6.56 3.01 -5.13
CA VAL A 76 -5.91 2.23 -6.15
C VAL A 76 -4.70 1.53 -5.55
N THR A 77 -4.96 0.49 -4.77
CA THR A 77 -3.89 -0.29 -4.18
C THR A 77 -3.47 -1.32 -5.21
N LYS A 78 -2.22 -1.27 -5.58
CA LYS A 78 -1.68 -2.12 -6.63
C LYS A 78 -0.31 -2.68 -6.26
N VAL A 79 0.08 -3.81 -6.85
CA VAL A 79 1.40 -4.39 -6.59
C VAL A 79 2.31 -4.02 -7.75
N SER A 80 3.62 -4.18 -7.58
CA SER A 80 4.59 -3.85 -8.62
C SER A 80 4.32 -4.56 -9.94
N ASN A 81 5.09 -4.18 -10.97
CA ASN A 81 4.96 -4.79 -12.30
C ASN A 81 4.89 -6.30 -12.14
N PRO A 82 3.72 -6.90 -12.36
CA PRO A 82 3.53 -8.33 -12.16
C PRO A 82 4.48 -9.17 -13.00
N LEU A 83 5.32 -9.88 -12.29
CA LEU A 83 6.30 -10.76 -12.89
C LEU A 83 6.09 -12.14 -12.32
N GLU A 84 5.77 -12.19 -11.03
CA GLU A 84 5.52 -13.46 -10.38
C GLU A 84 4.02 -13.67 -10.18
N LEU A 85 3.30 -12.64 -9.72
CA LEU A 85 1.85 -12.73 -9.52
C LEU A 85 1.19 -11.40 -9.86
N GLU A 86 -0.02 -11.46 -10.38
CA GLU A 86 -0.76 -10.26 -10.74
C GLU A 86 -1.70 -9.84 -9.61
N MET A 1 9.93 -14.16 -4.35
CA MET A 1 10.42 -12.77 -4.19
C MET A 1 10.88 -12.19 -5.51
N THR A 2 10.11 -11.25 -6.07
CA THR A 2 10.50 -10.62 -7.34
C THR A 2 10.14 -9.12 -7.36
N GLU A 3 9.55 -8.62 -6.27
CA GLU A 3 9.14 -7.19 -6.19
C GLU A 3 8.61 -6.80 -4.82
N CYS A 4 7.53 -7.46 -4.32
CA CYS A 4 6.88 -7.13 -3.06
C CYS A 4 6.74 -5.62 -2.73
N THR A 5 7.01 -4.73 -3.67
CA THR A 5 6.86 -3.31 -3.41
C THR A 5 5.58 -2.82 -4.06
N LEU A 6 4.63 -2.52 -3.22
CA LEU A 6 3.33 -2.01 -3.64
C LEU A 6 3.32 -0.50 -3.75
N TRP A 7 2.40 0.01 -4.55
CA TRP A 7 2.18 1.43 -4.71
C TRP A 7 0.72 1.74 -4.39
N MET A 8 0.52 2.63 -3.45
CA MET A 8 -0.81 3.04 -3.01
C MET A 8 -1.00 4.49 -3.40
N THR A 9 -2.16 4.85 -3.97
CA THR A 9 -2.34 6.23 -4.43
C THR A 9 -3.73 6.74 -4.12
N ASN A 10 -3.83 8.08 -3.91
CA ASN A 10 -5.11 8.74 -3.58
C ASN A 10 -5.86 7.99 -2.49
N PHE A 11 -5.90 8.62 -1.35
CA PHE A 11 -6.47 8.04 -0.17
C PHE A 11 -6.21 9.00 0.98
N PRO A 12 -7.14 9.18 1.93
CA PRO A 12 -6.93 10.08 3.07
C PRO A 12 -5.74 9.61 3.87
N PRO A 13 -5.02 10.49 4.59
CA PRO A 13 -3.84 10.07 5.35
C PRO A 13 -4.16 9.13 6.49
N SER A 14 -5.42 8.66 6.57
CA SER A 14 -5.80 7.64 7.51
C SER A 14 -4.72 6.56 7.42
N TYR A 15 -4.24 6.37 6.19
CA TYR A 15 -3.14 5.47 5.94
C TYR A 15 -1.85 6.22 6.11
N THR A 16 -1.18 5.95 7.20
CA THR A 16 0.06 6.60 7.51
C THR A 16 1.13 5.53 7.50
N GLN A 17 2.36 5.86 7.83
CA GLN A 17 3.42 4.89 7.75
C GLN A 17 3.14 3.72 8.70
N ARG A 18 2.73 4.02 9.92
CA ARG A 18 2.40 3.00 10.89
C ARG A 18 1.10 2.26 10.58
N ASN A 19 0.04 2.99 10.26
CA ASN A 19 -1.28 2.37 10.05
C ASN A 19 -1.30 1.51 8.79
N ILE A 20 -0.60 1.99 7.78
CA ILE A 20 -0.47 1.28 6.53
C ILE A 20 0.34 0.01 6.82
N ARG A 21 1.26 0.11 7.77
CA ARG A 21 2.13 -0.97 8.17
C ARG A 21 1.37 -2.00 8.98
N ASP A 22 0.50 -1.50 9.85
CA ASP A 22 -0.32 -2.36 10.70
C ASP A 22 -1.35 -3.05 9.84
N LEU A 23 -1.94 -2.27 8.95
CA LEU A 23 -2.91 -2.81 8.02
C LEU A 23 -2.21 -3.81 7.11
N LEU A 24 -1.01 -3.45 6.71
CA LEU A 24 -0.24 -4.29 5.82
C LEU A 24 0.31 -5.49 6.53
N GLN A 25 0.73 -5.34 7.74
CA GLN A 25 1.24 -6.49 8.45
C GLN A 25 0.15 -7.40 9.04
N ASP A 26 -1.06 -6.87 9.29
CA ASP A 26 -2.07 -7.69 9.95
C ASP A 26 -3.11 -8.08 8.95
N ILE A 27 -3.63 -7.14 8.17
CA ILE A 27 -4.53 -7.57 7.17
C ILE A 27 -3.69 -8.18 6.04
N ASN A 28 -2.41 -7.72 5.88
CA ASN A 28 -1.57 -8.28 4.83
C ASN A 28 -0.26 -8.98 5.17
N VAL A 29 0.05 -9.13 6.43
CA VAL A 29 1.30 -9.77 6.87
C VAL A 29 2.53 -8.83 6.68
N VAL A 30 3.11 -8.41 7.80
CA VAL A 30 4.29 -7.49 7.94
C VAL A 30 4.78 -6.70 6.70
N ALA A 31 4.67 -5.36 6.76
CA ALA A 31 5.20 -4.53 5.73
C ALA A 31 6.64 -4.22 6.13
N LEU A 32 7.61 -4.67 5.35
CA LEU A 32 9.02 -4.48 5.69
C LEU A 32 9.43 -3.00 5.69
N SER A 33 9.11 -2.30 4.63
CA SER A 33 9.45 -0.89 4.52
C SER A 33 8.38 -0.12 3.75
N ILE A 34 7.78 0.86 4.42
CA ILE A 34 6.75 1.68 3.82
C ILE A 34 7.28 3.09 3.63
N ARG A 35 7.06 3.61 2.44
CA ARG A 35 7.53 4.93 2.09
C ARG A 35 6.40 5.83 1.61
N LEU A 36 6.12 6.87 2.36
CA LEU A 36 5.19 7.87 1.91
C LEU A 36 6.10 8.94 1.31
N PRO A 37 6.34 8.92 -0.01
CA PRO A 37 7.27 9.85 -0.64
C PRO A 37 6.75 11.28 -0.67
N SER A 38 5.48 11.44 -0.98
CA SER A 38 4.89 12.75 -1.02
C SER A 38 4.21 13.03 0.31
N LEU A 39 4.66 14.05 1.02
CA LEU A 39 4.11 14.42 2.32
C LEU A 39 4.94 15.56 2.94
N ARG A 40 5.86 16.12 2.15
CA ARG A 40 6.73 17.20 2.61
C ARG A 40 6.05 18.53 2.34
N PHE A 41 5.38 18.61 1.19
CA PHE A 41 4.66 19.81 0.81
C PHE A 41 3.50 20.01 1.78
N ASN A 42 2.76 18.92 1.98
CA ASN A 42 1.61 18.89 2.86
C ASN A 42 0.93 17.53 2.65
N THR A 43 -0.28 17.39 3.18
CA THR A 43 -1.06 16.17 3.03
C THR A 43 -1.41 15.90 1.55
N SER A 44 -1.29 16.95 0.72
CA SER A 44 -1.58 16.93 -0.73
C SER A 44 -1.84 15.53 -1.32
N ARG A 45 -0.86 14.98 -2.03
CA ARG A 45 -0.97 13.66 -2.63
C ARG A 45 -0.26 12.65 -1.72
N ARG A 46 -0.97 12.14 -0.73
CA ARG A 46 -0.38 11.22 0.25
C ARG A 46 -0.08 9.80 -0.24
N PHE A 47 0.00 9.59 -1.55
CA PHE A 47 0.35 8.26 -2.09
C PHE A 47 1.60 7.65 -1.39
N ALA A 48 1.68 6.32 -1.40
CA ALA A 48 2.76 5.62 -0.72
C ALA A 48 3.23 4.39 -1.47
N TYR A 49 4.30 3.81 -0.95
CA TYR A 49 4.84 2.58 -1.46
C TYR A 49 5.12 1.73 -0.26
N ILE A 50 4.76 0.48 -0.28
CA ILE A 50 5.02 -0.37 0.86
C ILE A 50 5.75 -1.63 0.41
N ASP A 51 6.55 -2.21 1.29
CA ASP A 51 7.32 -3.39 0.95
C ASP A 51 6.81 -4.54 1.76
N VAL A 52 6.70 -5.69 1.14
CA VAL A 52 6.18 -6.84 1.85
C VAL A 52 7.22 -7.97 1.86
N THR A 53 6.98 -9.01 2.69
CA THR A 53 7.97 -10.09 2.87
C THR A 53 8.23 -10.97 1.64
N SER A 54 7.21 -11.25 0.84
CA SER A 54 7.43 -12.11 -0.33
C SER A 54 6.49 -11.72 -1.46
N LYS A 55 5.20 -11.91 -1.25
CA LYS A 55 4.24 -11.58 -2.28
C LYS A 55 2.83 -12.02 -1.93
N GLU A 56 2.67 -13.18 -1.31
CA GLU A 56 1.35 -13.66 -0.89
C GLU A 56 0.66 -12.52 -0.14
N ASP A 57 1.48 -11.87 0.63
CA ASP A 57 1.14 -10.71 1.42
C ASP A 57 0.91 -9.46 0.54
N ALA A 58 1.88 -9.13 -0.33
CA ALA A 58 1.77 -7.97 -1.22
C ALA A 58 0.55 -8.11 -2.13
N ARG A 59 0.47 -9.24 -2.80
CA ARG A 59 -0.69 -9.55 -3.66
C ARG A 59 -1.97 -9.44 -2.83
N TYR A 60 -1.87 -9.71 -1.52
CA TYR A 60 -3.02 -9.62 -0.62
C TYR A 60 -3.38 -8.15 -0.43
N CYS A 61 -2.36 -7.32 -0.23
CA CYS A 61 -2.53 -5.88 -0.05
C CYS A 61 -3.36 -5.24 -1.16
N VAL A 62 -2.93 -5.40 -2.42
CA VAL A 62 -3.67 -4.82 -3.54
C VAL A 62 -5.11 -5.34 -3.58
N GLU A 63 -5.27 -6.62 -3.27
CA GLU A 63 -6.57 -7.26 -3.30
C GLU A 63 -7.52 -6.70 -2.24
N LYS A 64 -7.00 -6.45 -1.03
CA LYS A 64 -7.85 -6.00 0.08
C LYS A 64 -8.42 -4.56 -0.05
N LEU A 65 -7.58 -3.55 -0.30
CA LEU A 65 -8.08 -2.16 -0.34
C LEU A 65 -8.26 -1.52 -1.71
N ASN A 66 -7.82 -2.12 -2.80
CA ASN A 66 -7.96 -1.43 -4.09
C ASN A 66 -9.41 -1.28 -4.54
N GLY A 67 -9.75 -0.07 -5.02
CA GLY A 67 -11.09 0.19 -5.50
C GLY A 67 -12.10 0.46 -4.40
N LEU A 68 -11.71 1.27 -3.41
CA LEU A 68 -12.61 1.60 -2.32
C LEU A 68 -12.69 3.11 -2.13
N LYS A 69 -13.86 3.62 -1.75
CA LYS A 69 -14.05 5.03 -1.54
C LYS A 69 -13.99 5.34 -0.05
N ILE A 70 -12.90 5.94 0.38
CA ILE A 70 -12.73 6.25 1.79
C ILE A 70 -12.74 7.77 1.99
N GLU A 71 -13.77 8.27 2.67
CA GLU A 71 -13.92 9.71 2.95
C GLU A 71 -14.13 10.50 1.66
N GLY A 72 -14.50 9.81 0.58
CA GLY A 72 -14.74 10.49 -0.69
C GLY A 72 -13.68 10.25 -1.75
N TYR A 73 -12.65 9.50 -1.40
CA TYR A 73 -11.57 9.22 -2.36
C TYR A 73 -11.51 7.75 -2.72
N THR A 74 -11.24 7.44 -3.99
CA THR A 74 -11.12 6.05 -4.42
C THR A 74 -9.66 5.62 -4.27
N LEU A 75 -9.43 4.55 -3.52
CA LEU A 75 -8.07 4.10 -3.26
C LEU A 75 -7.48 3.26 -4.36
N VAL A 76 -6.19 3.49 -4.58
CA VAL A 76 -5.43 2.76 -5.55
C VAL A 76 -4.33 2.02 -4.82
N THR A 77 -4.46 0.73 -4.78
CA THR A 77 -3.50 -0.16 -4.15
C THR A 77 -3.05 -1.17 -5.18
N LYS A 78 -1.77 -1.16 -5.53
CA LYS A 78 -1.25 -2.04 -6.57
C LYS A 78 0.13 -2.58 -6.22
N VAL A 79 0.48 -3.72 -6.81
CA VAL A 79 1.81 -4.28 -6.63
C VAL A 79 2.54 -4.12 -7.97
N SER A 80 3.79 -4.50 -8.05
CA SER A 80 4.52 -4.34 -9.31
C SER A 80 4.44 -5.64 -10.12
N ASN A 81 3.84 -5.55 -11.33
CA ASN A 81 3.69 -6.70 -12.28
C ASN A 81 4.27 -7.97 -11.71
N PRO A 82 3.48 -8.74 -10.93
CA PRO A 82 4.04 -9.89 -10.25
C PRO A 82 4.29 -11.14 -11.08
N LEU A 83 5.56 -11.21 -11.47
CA LEU A 83 6.18 -12.33 -12.20
C LEU A 83 5.72 -13.71 -11.73
N GLU A 84 5.51 -13.83 -10.42
CA GLU A 84 5.14 -15.10 -9.81
C GLU A 84 3.67 -15.43 -10.02
N LEU A 85 2.79 -14.54 -9.59
CA LEU A 85 1.35 -14.76 -9.75
C LEU A 85 0.63 -13.44 -9.88
N GLU A 86 -0.29 -13.36 -10.84
CA GLU A 86 -1.05 -12.14 -11.09
C GLU A 86 -1.92 -11.79 -9.88
#